data_1PZQ
#
_entry.id   1PZQ
#
_entity_poly.entity_id   1
_entity_poly.type   'polypeptide(L)'
_entity_poly.pdbx_seq_one_letter_code
;GSAASPAVDIGDRLDELEKALEALSAEDGHDDVGQRLESLLRRWNSRRADAPSTSAISED
;
_entity_poly.pdbx_strand_id   A,B
#
# COMPACT_ATOMS: atom_id res chain seq x y z
N GLY A 1 -14.05 20.60 9.33
CA GLY A 1 -15.23 20.05 8.63
C GLY A 1 -14.85 19.12 7.48
N SER A 2 -13.86 19.54 6.69
CA SER A 2 -13.39 18.76 5.56
C SER A 2 -12.82 17.42 6.03
N ALA A 3 -13.21 16.35 5.35
CA ALA A 3 -12.74 15.01 5.69
C ALA A 3 -11.23 14.90 5.53
N ALA A 4 -10.57 14.29 6.52
CA ALA A 4 -9.12 14.12 6.48
C ALA A 4 -8.65 13.26 7.65
N SER A 5 -7.52 13.62 8.25
CA SER A 5 -6.96 12.88 9.38
C SER A 5 -6.54 11.47 8.96
N PRO A 6 -5.28 11.08 9.26
CA PRO A 6 -4.77 9.76 8.92
C PRO A 6 -5.40 8.66 9.76
N ALA A 7 -4.81 7.47 9.71
CA ALA A 7 -5.29 6.32 10.46
C ALA A 7 -6.80 6.21 10.40
N VAL A 8 -7.33 6.41 9.20
CA VAL A 8 -8.75 6.31 8.95
C VAL A 8 -9.13 4.84 8.87
N ASP A 9 -8.83 4.14 9.95
CA ASP A 9 -9.05 2.71 10.04
C ASP A 9 -7.99 2.02 9.19
N ILE A 10 -7.14 2.89 8.63
CA ILE A 10 -6.02 2.53 7.79
C ILE A 10 -6.37 1.67 6.59
N GLY A 11 -7.08 0.58 6.79
CA GLY A 11 -7.47 -0.27 5.69
C GLY A 11 -8.38 0.46 4.77
N ASP A 12 -8.86 1.60 5.24
CA ASP A 12 -9.75 2.42 4.46
C ASP A 12 -8.96 3.04 3.33
N ARG A 13 -7.72 3.39 3.64
CA ARG A 13 -6.82 3.98 2.69
C ARG A 13 -6.39 2.94 1.68
N LEU A 14 -5.96 1.84 2.26
CA LEU A 14 -5.51 0.66 1.54
C LEU A 14 -6.57 0.13 0.60
N ASP A 15 -7.76 -0.07 1.14
CA ASP A 15 -8.88 -0.59 0.39
C ASP A 15 -9.07 0.23 -0.87
N GLU A 16 -9.13 1.54 -0.69
CA GLU A 16 -9.30 2.46 -1.80
C GLU A 16 -8.11 2.43 -2.75
N LEU A 17 -6.96 2.10 -2.19
CA LEU A 17 -5.72 2.03 -2.96
C LEU A 17 -5.76 0.87 -3.92
N GLU A 18 -6.19 -0.25 -3.42
CA GLU A 18 -6.31 -1.46 -4.21
C GLU A 18 -7.35 -1.27 -5.27
N LYS A 19 -8.44 -0.66 -4.87
CA LYS A 19 -9.52 -0.41 -5.79
C LYS A 19 -9.02 0.48 -6.90
N ALA A 20 -8.16 1.42 -6.52
CA ALA A 20 -7.55 2.33 -7.47
C ALA A 20 -6.67 1.56 -8.41
N LEU A 21 -5.86 0.75 -7.80
CA LEU A 21 -4.92 -0.08 -8.48
C LEU A 21 -5.62 -0.99 -9.44
N GLU A 22 -6.71 -1.55 -8.97
CA GLU A 22 -7.52 -2.43 -9.79
C GLU A 22 -7.76 -1.78 -11.12
N ALA A 23 -7.82 -0.46 -11.07
CA ALA A 23 -8.01 0.33 -12.26
C ALA A 23 -6.70 0.42 -13.02
N LEU A 24 -5.62 0.72 -12.30
CA LEU A 24 -4.29 0.84 -12.89
C LEU A 24 -3.61 -0.51 -13.06
N SER A 25 -4.37 -1.58 -12.94
CA SER A 25 -3.84 -2.93 -13.06
C SER A 25 -2.94 -3.07 -14.29
N ALA A 26 -1.67 -2.69 -14.13
CA ALA A 26 -0.70 -2.77 -15.20
C ALA A 26 -1.20 -2.07 -16.45
N GLU A 27 -1.94 -1.02 -16.23
CA GLU A 27 -2.54 -0.23 -17.29
C GLU A 27 -1.51 0.38 -18.24
N ASP A 28 -0.39 0.82 -17.69
CA ASP A 28 0.64 1.44 -18.53
C ASP A 28 1.97 1.48 -17.81
N GLY A 29 2.37 0.33 -17.34
CA GLY A 29 3.62 0.21 -16.64
C GLY A 29 3.63 1.05 -15.38
N HIS A 30 2.58 0.92 -14.59
CA HIS A 30 2.48 1.68 -13.36
C HIS A 30 3.39 1.12 -12.28
N ASP A 31 4.63 0.82 -12.66
CA ASP A 31 5.62 0.29 -11.74
C ASP A 31 5.83 1.28 -10.60
N ASP A 32 5.44 2.52 -10.83
CA ASP A 32 5.57 3.57 -9.83
C ASP A 32 4.66 3.28 -8.67
N VAL A 33 3.57 2.62 -8.97
CA VAL A 33 2.61 2.26 -7.96
C VAL A 33 3.20 1.27 -7.00
N GLY A 34 3.83 0.23 -7.54
CA GLY A 34 4.44 -0.78 -6.72
C GLY A 34 5.62 -0.23 -5.95
N GLN A 35 6.30 0.74 -6.54
CA GLN A 35 7.45 1.34 -5.89
C GLN A 35 7.00 2.05 -4.63
N ARG A 36 5.82 2.65 -4.72
CA ARG A 36 5.23 3.33 -3.60
C ARG A 36 4.71 2.28 -2.64
N LEU A 37 4.00 1.32 -3.20
CA LEU A 37 3.42 0.22 -2.48
C LEU A 37 4.47 -0.48 -1.62
N GLU A 38 5.63 -0.69 -2.21
CA GLU A 38 6.72 -1.35 -1.52
C GLU A 38 7.34 -0.43 -0.50
N SER A 39 7.66 0.75 -0.95
CA SER A 39 8.25 1.77 -0.08
C SER A 39 7.43 1.87 1.20
N LEU A 40 6.11 1.89 1.04
CA LEU A 40 5.20 1.97 2.15
C LEU A 40 5.49 0.89 3.16
N LEU A 41 5.52 -0.35 2.68
CA LEU A 41 5.77 -1.50 3.53
C LEU A 41 7.17 -1.54 4.07
N ARG A 42 8.15 -1.50 3.18
CA ARG A 42 9.52 -1.57 3.63
C ARG A 42 9.74 -0.58 4.76
N ARG A 43 8.94 0.47 4.73
CA ARG A 43 8.98 1.48 5.77
C ARG A 43 8.07 1.04 6.91
N TRP A 44 7.00 0.35 6.54
CA TRP A 44 6.03 -0.15 7.49
C TRP A 44 6.60 -1.35 8.27
N ASN A 45 6.93 -2.42 7.54
CA ASN A 45 7.48 -3.62 8.14
C ASN A 45 8.72 -3.34 8.97
N SER A 46 9.53 -2.42 8.47
CA SER A 46 10.76 -2.05 9.14
C SER A 46 10.48 -1.47 10.54
N ARG A 47 9.53 -0.55 10.61
CA ARG A 47 9.17 0.06 11.89
C ARG A 47 8.68 -0.99 12.86
N ARG A 48 7.96 -1.98 12.33
CA ARG A 48 7.45 -3.07 13.13
C ARG A 48 8.59 -3.73 13.91
N ALA A 49 9.63 -4.08 13.17
CA ALA A 49 10.81 -4.70 13.75
C ALA A 49 11.43 -3.82 14.81
N ASP A 50 11.36 -2.51 14.58
CA ASP A 50 11.91 -1.54 15.50
C ASP A 50 11.13 -1.53 16.82
N ALA A 51 11.49 -2.43 17.72
CA ALA A 51 10.82 -2.54 19.02
C ALA A 51 11.65 -3.38 19.99
N PRO A 52 11.80 -2.88 21.23
CA PRO A 52 12.57 -3.59 22.27
C PRO A 52 11.93 -4.92 22.66
N SER A 53 12.77 -5.94 22.82
CA SER A 53 12.30 -7.27 23.19
C SER A 53 11.58 -7.23 24.54
N THR A 54 10.53 -8.03 24.66
CA THR A 54 9.75 -8.09 25.90
C THR A 54 8.83 -9.31 25.92
N SER A 55 8.20 -9.59 24.77
CA SER A 55 7.29 -10.72 24.66
C SER A 55 7.05 -11.07 23.19
N ALA A 56 6.71 -10.05 22.40
CA ALA A 56 6.45 -10.25 20.98
C ALA A 56 5.38 -11.32 20.76
N ILE A 57 4.32 -11.26 21.55
CA ILE A 57 3.23 -12.22 21.45
C ILE A 57 2.57 -12.16 20.07
N SER A 58 2.36 -13.33 19.47
CA SER A 58 1.73 -13.41 18.16
C SER A 58 0.30 -12.91 18.21
N GLU A 59 -0.09 -12.12 17.21
CA GLU A 59 -1.43 -11.56 17.13
C GLU A 59 -2.47 -12.68 17.07
N ASP A 60 -3.53 -12.54 17.86
CA ASP A 60 -4.60 -13.53 17.88
C ASP A 60 -5.26 -13.65 16.52
N GLY B 1 -21.01 14.75 -7.41
CA GLY B 1 -20.38 15.90 -6.72
C GLY B 1 -19.37 15.48 -5.67
N SER B 2 -19.75 14.50 -4.86
CA SER B 2 -18.87 13.99 -3.80
C SER B 2 -17.59 13.40 -4.40
N ALA B 3 -16.45 13.76 -3.81
CA ALA B 3 -15.16 13.26 -4.27
C ALA B 3 -15.08 11.75 -4.13
N ALA B 4 -14.61 11.09 -5.19
CA ALA B 4 -14.47 9.64 -5.18
C ALA B 4 -13.77 9.15 -6.44
N SER B 5 -14.25 8.03 -7.01
CA SER B 5 -13.68 7.45 -8.21
C SER B 5 -12.24 7.01 -7.98
N PRO B 6 -11.91 5.74 -8.30
CA PRO B 6 -10.56 5.20 -8.13
C PRO B 6 -9.57 5.83 -9.10
N ALA B 7 -8.45 5.14 -9.33
CA ALA B 7 -7.43 5.63 -10.24
C ALA B 7 -7.16 7.12 -10.02
N VAL B 8 -7.20 7.54 -8.76
CA VAL B 8 -6.96 8.92 -8.40
C VAL B 8 -5.47 9.23 -8.45
N ASP B 9 -4.88 9.02 -9.64
CA ASP B 9 -3.45 9.23 -9.84
C ASP B 9 -2.66 8.08 -9.25
N ILE B 10 -3.35 7.26 -8.44
CA ILE B 10 -2.76 6.08 -7.77
C ILE B 10 -1.76 6.49 -6.69
N GLY B 11 -0.96 7.51 -6.97
CA GLY B 11 0.00 7.98 -6.00
C GLY B 11 -0.65 8.73 -4.87
N ASP B 12 -1.79 9.35 -5.15
CA ASP B 12 -2.53 10.12 -4.15
C ASP B 12 -2.89 9.24 -2.97
N ARG B 13 -3.48 8.08 -3.25
CA ARG B 13 -3.87 7.13 -2.21
C ARG B 13 -2.64 6.59 -1.49
N LEU B 14 -1.61 6.27 -2.27
CA LEU B 14 -0.36 5.76 -1.72
C LEU B 14 0.26 6.75 -0.75
N ASP B 15 0.27 8.02 -1.14
CA ASP B 15 0.83 9.08 -0.31
C ASP B 15 0.04 9.20 0.99
N GLU B 16 -1.28 9.26 0.86
CA GLU B 16 -2.15 9.37 2.03
C GLU B 16 -2.01 8.15 2.93
N LEU B 17 -1.89 6.97 2.32
CA LEU B 17 -1.74 5.74 3.06
C LEU B 17 -0.48 5.80 3.91
N GLU B 18 0.61 6.29 3.29
CA GLU B 18 1.89 6.42 3.98
C GLU B 18 1.80 7.39 5.15
N LYS B 19 1.30 8.59 4.86
CA LYS B 19 1.16 9.62 5.88
C LYS B 19 0.43 9.05 7.09
N ALA B 20 -0.53 8.17 6.82
CA ALA B 20 -1.31 7.54 7.86
C ALA B 20 -0.45 6.59 8.70
N LEU B 21 0.27 5.69 8.03
CA LEU B 21 1.14 4.76 8.74
C LEU B 21 2.20 5.51 9.52
N GLU B 22 2.58 6.69 9.03
CA GLU B 22 3.58 7.50 9.72
C GLU B 22 3.13 7.70 11.17
N ALA B 23 1.83 7.90 11.35
CA ALA B 23 1.26 8.07 12.67
C ALA B 23 0.93 6.72 13.29
N LEU B 24 0.53 5.78 12.45
CA LEU B 24 0.17 4.43 12.87
C LEU B 24 1.38 3.52 12.87
N SER B 25 2.56 4.12 12.73
CA SER B 25 3.82 3.37 12.66
C SER B 25 4.00 2.44 13.86
N ALA B 26 3.45 1.23 13.73
CA ALA B 26 3.55 0.23 14.78
C ALA B 26 3.19 0.80 16.14
N GLU B 27 2.14 1.59 16.18
CA GLU B 27 1.67 2.21 17.43
C GLU B 27 1.22 1.16 18.44
N ASP B 28 0.61 0.09 17.94
CA ASP B 28 0.12 -0.98 18.81
C ASP B 28 -0.06 -2.28 18.03
N GLY B 29 1.05 -2.78 17.47
CA GLY B 29 0.98 -4.01 16.70
C GLY B 29 0.07 -3.88 15.50
N HIS B 30 0.28 -2.83 14.72
CA HIS B 30 -0.53 -2.57 13.54
C HIS B 30 -0.17 -3.51 12.39
N ASP B 31 0.12 -4.77 12.73
CA ASP B 31 0.47 -5.76 11.72
C ASP B 31 -0.62 -5.81 10.65
N ASP B 32 -1.84 -5.47 11.03
CA ASP B 32 -2.97 -5.46 10.10
C ASP B 32 -2.67 -4.58 8.90
N VAL B 33 -2.07 -3.42 9.13
CA VAL B 33 -1.74 -2.52 8.04
C VAL B 33 -0.72 -3.18 7.12
N GLY B 34 0.11 -4.04 7.71
CA GLY B 34 1.12 -4.75 6.95
C GLY B 34 0.52 -5.78 6.02
N GLN B 35 -0.42 -6.58 6.53
CA GLN B 35 -1.07 -7.60 5.72
C GLN B 35 -1.82 -6.96 4.57
N ARG B 36 -2.42 -5.80 4.83
CA ARG B 36 -3.16 -5.07 3.81
C ARG B 36 -2.19 -4.50 2.78
N LEU B 37 -1.25 -3.70 3.26
CA LEU B 37 -0.25 -3.07 2.41
C LEU B 37 0.45 -4.13 1.55
N GLU B 38 0.72 -5.28 2.17
CA GLU B 38 1.41 -6.37 1.48
C GLU B 38 0.49 -7.06 0.48
N SER B 39 -0.74 -7.34 0.91
CA SER B 39 -1.71 -8.02 0.05
C SER B 39 -1.96 -7.20 -1.22
N LEU B 40 -2.05 -5.88 -1.06
CA LEU B 40 -2.29 -4.99 -2.19
C LEU B 40 -1.15 -5.11 -3.19
N LEU B 41 0.08 -5.12 -2.68
CA LEU B 41 1.27 -5.20 -3.50
C LEU B 41 1.40 -6.57 -4.14
N ARG B 42 1.11 -7.64 -3.40
CA ARG B 42 1.20 -8.99 -3.93
C ARG B 42 0.25 -9.14 -5.12
N ARG B 43 -0.97 -8.62 -4.97
CA ARG B 43 -1.96 -8.66 -6.03
C ARG B 43 -1.55 -7.71 -7.14
N TRP B 44 -0.98 -6.57 -6.73
CA TRP B 44 -0.53 -5.54 -7.67
C TRP B 44 0.54 -6.10 -8.62
N ASN B 45 1.59 -6.68 -8.05
CA ASN B 45 2.68 -7.24 -8.83
C ASN B 45 2.22 -8.47 -9.61
N SER B 46 1.42 -9.31 -8.97
CA SER B 46 0.92 -10.52 -9.61
C SER B 46 0.26 -10.18 -10.95
N ARG B 47 -0.55 -9.13 -10.95
CA ARG B 47 -1.22 -8.69 -12.16
C ARG B 47 -0.21 -8.21 -13.19
N ARG B 48 0.83 -7.54 -12.72
CA ARG B 48 1.89 -7.05 -13.59
C ARG B 48 2.49 -8.17 -14.42
N ALA B 49 2.82 -9.27 -13.75
CA ALA B 49 3.39 -10.43 -14.41
C ALA B 49 2.41 -10.99 -15.43
N ASP B 50 1.13 -11.02 -15.07
CA ASP B 50 0.09 -11.53 -15.96
C ASP B 50 0.01 -10.68 -17.22
N ALA B 51 0.73 -11.10 -18.27
CA ALA B 51 0.74 -10.39 -19.53
C ALA B 51 1.48 -11.19 -20.60
N PRO B 52 0.90 -11.29 -21.81
CA PRO B 52 1.51 -12.02 -22.92
C PRO B 52 2.82 -11.41 -23.39
N SER B 53 3.83 -12.25 -23.62
CA SER B 53 5.13 -11.79 -24.07
C SER B 53 5.02 -11.04 -25.39
N THR B 54 5.81 -9.99 -25.54
CA THR B 54 5.80 -9.18 -26.77
C THR B 54 7.03 -8.28 -26.85
N SER B 55 7.40 -7.69 -25.72
CA SER B 55 8.57 -6.81 -25.67
C SER B 55 9.03 -6.59 -24.23
N ALA B 56 8.08 -6.25 -23.36
CA ALA B 56 8.39 -6.02 -21.94
C ALA B 56 9.50 -4.98 -21.79
N ILE B 57 9.41 -3.90 -22.56
CA ILE B 57 10.39 -2.83 -22.51
C ILE B 57 10.45 -2.20 -21.13
N SER B 58 11.67 -2.02 -20.61
CA SER B 58 11.87 -1.43 -19.30
C SER B 58 11.39 0.02 -19.28
N GLU B 59 10.68 0.39 -18.21
CA GLU B 59 10.16 1.74 -18.07
C GLU B 59 11.31 2.75 -18.07
N ASP B 60 11.13 3.84 -18.82
CA ASP B 60 12.15 4.89 -18.91
C ASP B 60 12.38 5.53 -17.54
N GLY A 1 -8.22 15.70 -3.96
CA GLY A 1 -7.57 16.59 -2.96
C GLY A 1 -6.78 15.82 -1.92
N SER A 2 -5.57 16.29 -1.63
CA SER A 2 -4.71 15.64 -0.64
C SER A 2 -5.13 16.00 0.78
N ALA A 3 -6.44 15.98 1.03
CA ALA A 3 -6.96 16.30 2.36
C ALA A 3 -6.47 15.31 3.40
N ALA A 4 -6.06 15.83 4.56
CA ALA A 4 -5.57 14.99 5.64
C ALA A 4 -6.64 14.02 6.12
N SER A 5 -6.25 12.77 6.33
CA SER A 5 -7.18 11.73 6.80
C SER A 5 -6.45 10.42 7.07
N PRO A 6 -5.43 10.43 7.95
CA PRO A 6 -4.66 9.25 8.30
C PRO A 6 -5.31 8.41 9.39
N ALA A 7 -4.97 7.13 9.40
CA ALA A 7 -5.49 6.18 10.39
C ALA A 7 -7.01 6.10 10.35
N VAL A 8 -7.54 6.18 9.15
CA VAL A 8 -8.97 6.06 8.94
C VAL A 8 -9.30 4.58 8.94
N ASP A 9 -9.10 3.95 10.07
CA ASP A 9 -9.31 2.54 10.19
C ASP A 9 -8.28 1.85 9.30
N ILE A 10 -7.34 2.68 8.86
CA ILE A 10 -6.22 2.34 8.02
C ILE A 10 -6.58 1.45 6.81
N GLY A 11 -7.13 0.27 7.03
CA GLY A 11 -7.49 -0.59 5.93
C GLY A 11 -8.44 0.09 4.99
N ASP A 12 -8.96 1.22 5.43
CA ASP A 12 -9.87 1.98 4.64
C ASP A 12 -9.13 2.63 3.49
N ARG A 13 -7.94 3.10 3.79
CA ARG A 13 -7.09 3.74 2.82
C ARG A 13 -6.62 2.69 1.82
N LEU A 14 -6.08 1.67 2.41
CA LEU A 14 -5.55 0.49 1.75
C LEU A 14 -6.55 -0.11 0.78
N ASP A 15 -7.76 -0.32 1.29
CA ASP A 15 -8.83 -0.89 0.50
C ASP A 15 -9.02 -0.08 -0.77
N GLU A 16 -9.12 1.24 -0.61
CA GLU A 16 -9.29 2.14 -1.74
C GLU A 16 -8.05 2.15 -2.62
N LEU A 17 -6.93 1.77 -2.02
CA LEU A 17 -5.64 1.72 -2.68
C LEU A 17 -5.58 0.58 -3.68
N GLU A 18 -6.11 -0.54 -3.27
CA GLU A 18 -6.15 -1.71 -4.13
C GLU A 18 -7.17 -1.51 -5.20
N LYS A 19 -8.29 -0.96 -4.80
CA LYS A 19 -9.36 -0.70 -5.72
C LYS A 19 -8.87 0.24 -6.80
N ALA A 20 -8.06 1.21 -6.39
CA ALA A 20 -7.49 2.16 -7.32
C ALA A 20 -6.60 1.45 -8.28
N LEU A 21 -5.72 0.69 -7.69
CA LEU A 21 -4.75 -0.07 -8.40
C LEU A 21 -5.43 -1.00 -9.38
N GLU A 22 -6.48 -1.61 -8.91
CA GLU A 22 -7.26 -2.52 -9.74
C GLU A 22 -7.55 -1.84 -11.06
N ALA A 23 -7.68 -0.53 -10.98
CA ALA A 23 -7.93 0.27 -12.15
C ALA A 23 -6.64 0.39 -12.95
N LEU A 24 -5.56 0.71 -12.24
CA LEU A 24 -4.24 0.85 -12.87
C LEU A 24 -3.55 -0.49 -13.06
N SER A 25 -4.31 -1.57 -12.92
CA SER A 25 -3.78 -2.92 -13.05
C SER A 25 -2.89 -3.07 -14.29
N ALA A 26 -1.63 -2.68 -14.14
CA ALA A 26 -0.66 -2.77 -15.22
C ALA A 26 -1.16 -2.07 -16.47
N GLU A 27 -1.91 -1.02 -16.24
CA GLU A 27 -2.50 -0.22 -17.31
C GLU A 27 -1.47 0.37 -18.27
N ASP A 28 -0.33 0.80 -17.74
CA ASP A 28 0.70 1.39 -18.58
C ASP A 28 2.03 1.41 -17.88
N GLY A 29 2.43 0.26 -17.40
CA GLY A 29 3.68 0.14 -16.70
C GLY A 29 3.72 1.02 -15.48
N HIS A 30 2.68 0.92 -14.66
CA HIS A 30 2.60 1.72 -13.45
C HIS A 30 3.53 1.19 -12.37
N ASP A 31 4.76 0.87 -12.76
CA ASP A 31 5.76 0.37 -11.82
C ASP A 31 5.97 1.39 -10.70
N ASP A 32 5.56 2.62 -10.97
CA ASP A 32 5.69 3.70 -9.99
C ASP A 32 4.83 3.40 -8.80
N VAL A 33 3.71 2.75 -9.07
CA VAL A 33 2.78 2.38 -8.05
C VAL A 33 3.40 1.39 -7.07
N GLY A 34 4.02 0.35 -7.62
CA GLY A 34 4.65 -0.65 -6.78
C GLY A 34 5.76 -0.06 -5.95
N GLN A 35 6.46 0.89 -6.54
CA GLN A 35 7.54 1.57 -5.84
C GLN A 35 7.00 2.27 -4.62
N ARG A 36 5.82 2.83 -4.77
CA ARG A 36 5.13 3.51 -3.71
C ARG A 36 4.65 2.48 -2.72
N LEU A 37 4.00 1.46 -3.26
CA LEU A 37 3.47 0.36 -2.53
C LEU A 37 4.50 -0.31 -1.67
N GLU A 38 5.67 -0.53 -2.23
CA GLU A 38 6.74 -1.18 -1.52
C GLU A 38 7.25 -0.28 -0.42
N SER A 39 7.60 0.92 -0.82
CA SER A 39 8.09 1.92 0.12
C SER A 39 7.20 1.94 1.34
N LEU A 40 5.90 1.93 1.10
CA LEU A 40 4.93 1.92 2.16
C LEU A 40 5.24 0.86 3.19
N LEU A 41 5.38 -0.38 2.72
CA LEU A 41 5.67 -1.50 3.60
C LEU A 41 7.09 -1.49 4.10
N ARG A 42 8.05 -1.46 3.20
CA ARG A 42 9.43 -1.48 3.60
C ARG A 42 9.65 -0.48 4.72
N ARG A 43 8.81 0.54 4.73
CA ARG A 43 8.85 1.55 5.77
C ARG A 43 7.96 1.11 6.91
N TRP A 44 6.85 0.45 6.56
CA TRP A 44 5.91 -0.05 7.53
C TRP A 44 6.52 -1.18 8.35
N ASN A 45 6.94 -2.23 7.66
CA ASN A 45 7.54 -3.39 8.30
C ASN A 45 8.78 -3.01 9.10
N SER A 46 9.49 -2.02 8.61
CA SER A 46 10.71 -1.55 9.27
C SER A 46 10.40 -0.86 10.60
N ARG A 47 9.40 0.03 10.58
CA ARG A 47 9.02 0.76 11.78
C ARG A 47 8.58 -0.20 12.87
N ARG A 48 7.92 -1.28 12.46
CA ARG A 48 7.47 -2.29 13.40
C ARG A 48 8.65 -2.82 14.19
N ALA A 49 9.64 -3.30 13.45
CA ALA A 49 10.86 -3.83 14.04
C ALA A 49 11.56 -2.78 14.88
N ASP A 50 11.51 -1.54 14.43
CA ASP A 50 12.13 -0.42 15.12
C ASP A 50 13.56 -0.75 15.54
N ALA A 51 14.27 -1.48 14.69
CA ALA A 51 15.65 -1.87 14.96
C ALA A 51 16.25 -2.64 13.79
N PRO A 52 17.47 -2.28 13.36
CA PRO A 52 18.14 -2.95 12.25
C PRO A 52 18.42 -4.42 12.55
N SER A 53 18.06 -5.29 11.62
CA SER A 53 18.27 -6.73 11.78
C SER A 53 17.81 -7.49 10.53
N THR A 54 17.18 -8.65 10.74
CA THR A 54 16.70 -9.46 9.63
C THR A 54 15.92 -10.68 10.14
N SER A 55 14.79 -10.95 9.51
CA SER A 55 13.95 -12.08 9.90
C SER A 55 14.71 -13.39 9.77
N ALA A 56 14.67 -14.20 10.83
CA ALA A 56 15.35 -15.49 10.84
C ALA A 56 15.07 -16.25 12.14
N ILE A 57 16.10 -16.88 12.69
CA ILE A 57 15.97 -17.64 13.93
C ILE A 57 17.31 -18.14 14.43
N SER A 58 17.54 -18.01 15.73
CA SER A 58 18.80 -18.44 16.33
C SER A 58 18.74 -18.34 17.86
N GLU A 59 18.22 -17.21 18.35
CA GLU A 59 18.10 -16.98 19.79
C GLU A 59 17.30 -15.71 20.08
N ASP A 60 16.40 -15.81 21.04
CA ASP A 60 15.56 -14.66 21.43
C ASP A 60 14.79 -14.13 20.23
N GLY B 1 -15.12 8.53 5.25
CA GLY B 1 -16.11 7.91 4.31
C GLY B 1 -15.44 7.14 3.19
N SER B 2 -15.96 5.94 2.92
CA SER B 2 -15.41 5.10 1.85
C SER B 2 -15.89 5.57 0.48
N ALA B 3 -15.88 6.87 0.27
CA ALA B 3 -16.32 7.44 -1.01
C ALA B 3 -15.43 6.97 -2.15
N ALA B 4 -16.05 6.61 -3.27
CA ALA B 4 -15.31 6.14 -4.43
C ALA B 4 -14.30 7.18 -4.89
N SER B 5 -13.08 6.73 -5.18
CA SER B 5 -12.02 7.63 -5.62
C SER B 5 -10.80 6.83 -6.09
N PRO B 6 -10.99 5.89 -7.04
CA PRO B 6 -9.91 5.07 -7.56
C PRO B 6 -9.22 5.69 -8.77
N ALA B 7 -7.95 5.32 -8.96
CA ALA B 7 -7.16 5.83 -10.07
C ALA B 7 -6.91 7.33 -9.96
N VAL B 8 -6.85 7.83 -8.72
CA VAL B 8 -6.58 9.23 -8.48
C VAL B 8 -5.09 9.49 -8.60
N ASP B 9 -4.57 9.33 -9.82
CA ASP B 9 -3.15 9.51 -10.08
C ASP B 9 -2.37 8.37 -9.43
N ILE B 10 -3.11 7.48 -8.76
CA ILE B 10 -2.56 6.31 -8.06
C ILE B 10 -1.58 6.70 -6.94
N GLY B 11 -0.50 7.41 -7.29
CA GLY B 11 0.46 7.83 -6.29
C GLY B 11 -0.15 8.68 -5.19
N ASP B 12 -1.13 9.48 -5.55
CA ASP B 12 -1.80 10.35 -4.59
C ASP B 12 -2.25 9.57 -3.35
N ARG B 13 -2.85 8.41 -3.58
CA ARG B 13 -3.32 7.58 -2.48
C ARG B 13 -2.16 7.00 -1.69
N LEU B 14 -1.14 6.49 -2.41
CA LEU B 14 0.03 5.91 -1.74
C LEU B 14 0.57 6.87 -0.70
N ASP B 15 0.61 8.14 -1.04
CA ASP B 15 1.09 9.16 -0.11
C ASP B 15 0.25 9.19 1.16
N GLU B 16 -1.06 9.28 0.99
CA GLU B 16 -1.98 9.29 2.12
C GLU B 16 -1.87 7.99 2.91
N LEU B 17 -1.69 6.89 2.19
CA LEU B 17 -1.55 5.58 2.81
C LEU B 17 -0.32 5.57 3.72
N GLU B 18 0.78 6.10 3.21
CA GLU B 18 2.04 6.16 3.95
C GLU B 18 1.93 7.10 5.15
N LYS B 19 1.53 8.33 4.90
CA LYS B 19 1.38 9.34 5.95
C LYS B 19 0.56 8.77 7.11
N ALA B 20 -0.45 7.99 6.77
CA ALA B 20 -1.31 7.38 7.79
C ALA B 20 -0.51 6.43 8.67
N LEU B 21 0.22 5.52 8.03
CA LEU B 21 1.03 4.56 8.77
C LEU B 21 2.12 5.27 9.56
N GLU B 22 2.57 6.42 9.06
CA GLU B 22 3.59 7.18 9.76
C GLU B 22 3.12 7.43 11.20
N ALA B 23 1.84 7.68 11.34
CA ALA B 23 1.24 7.90 12.64
C ALA B 23 0.91 6.58 13.31
N LEU B 24 0.46 5.62 12.49
CA LEU B 24 0.10 4.29 12.96
C LEU B 24 1.32 3.38 12.97
N SER B 25 2.49 3.98 12.81
CA SER B 25 3.75 3.25 12.76
C SER B 25 3.93 2.32 13.95
N ALA B 26 3.39 1.11 13.83
CA ALA B 26 3.50 0.11 14.89
C ALA B 26 3.08 0.68 16.24
N GLU B 27 2.01 1.45 16.25
CA GLU B 27 1.51 2.06 17.47
C GLU B 27 1.07 1.00 18.48
N ASP B 28 0.53 -0.11 17.99
CA ASP B 28 0.08 -1.18 18.87
C ASP B 28 -0.10 -2.49 18.09
N GLY B 29 1.00 -2.98 17.52
CA GLY B 29 0.94 -4.22 16.76
C GLY B 29 0.02 -4.11 15.56
N HIS B 30 0.22 -3.07 14.77
CA HIS B 30 -0.59 -2.81 13.59
C HIS B 30 -0.24 -3.76 12.44
N ASP B 31 0.00 -5.03 12.75
CA ASP B 31 0.32 -6.03 11.74
C ASP B 31 -0.75 -6.04 10.66
N ASP B 32 -1.98 -5.73 11.05
CA ASP B 32 -3.09 -5.71 10.12
C ASP B 32 -2.78 -4.79 8.92
N VAL B 33 -2.20 -3.63 9.21
CA VAL B 33 -1.84 -2.69 8.15
C VAL B 33 -0.82 -3.33 7.21
N GLY B 34 0.05 -4.16 7.78
CA GLY B 34 1.05 -4.83 6.98
C GLY B 34 0.45 -5.82 6.02
N GLN B 35 -0.54 -6.58 6.50
CA GLN B 35 -1.20 -7.57 5.66
C GLN B 35 -1.97 -6.88 4.54
N ARG B 36 -2.62 -5.78 4.86
CA ARG B 36 -3.38 -5.01 3.88
C ARG B 36 -2.43 -4.42 2.83
N LEU B 37 -1.38 -3.78 3.33
CA LEU B 37 -0.37 -3.16 2.49
C LEU B 37 0.31 -4.20 1.60
N GLU B 38 0.64 -5.33 2.20
CA GLU B 38 1.31 -6.42 1.48
C GLU B 38 0.38 -7.02 0.44
N SER B 39 -0.89 -7.19 0.81
CA SER B 39 -1.88 -7.74 -0.10
C SER B 39 -1.99 -6.87 -1.34
N LEU B 40 -1.84 -5.56 -1.15
CA LEU B 40 -1.90 -4.61 -2.25
C LEU B 40 -0.89 -4.96 -3.33
N LEU B 41 0.35 -5.18 -2.92
CA LEU B 41 1.43 -5.51 -3.84
C LEU B 41 1.33 -6.94 -4.37
N ARG B 42 1.10 -7.90 -3.48
CA ARG B 42 0.99 -9.29 -3.90
C ARG B 42 0.01 -9.39 -5.07
N ARG B 43 -1.03 -8.57 -5.02
CA ARG B 43 -2.03 -8.54 -6.08
C ARG B 43 -1.61 -7.57 -7.18
N TRP B 44 -1.01 -6.46 -6.77
CA TRP B 44 -0.53 -5.43 -7.71
C TRP B 44 0.44 -6.02 -8.72
N ASN B 45 1.53 -6.60 -8.22
CA ASN B 45 2.56 -7.20 -9.06
C ASN B 45 2.00 -8.40 -9.82
N SER B 46 1.20 -9.22 -9.15
CA SER B 46 0.61 -10.40 -9.77
C SER B 46 -0.17 -10.04 -11.02
N ARG B 47 -0.98 -8.99 -10.92
CA ARG B 47 -1.78 -8.53 -12.05
C ARG B 47 -0.89 -8.09 -13.21
N ARG B 48 0.22 -7.44 -12.88
CA ARG B 48 1.16 -6.98 -13.91
C ARG B 48 1.63 -8.16 -14.76
N ALA B 49 2.07 -9.22 -14.10
CA ALA B 49 2.55 -10.41 -14.79
C ALA B 49 1.41 -11.05 -15.58
N ASP B 50 0.24 -11.12 -14.97
CA ASP B 50 -0.93 -11.71 -15.60
C ASP B 50 -0.63 -13.13 -16.09
N ALA B 51 0.12 -13.87 -15.28
CA ALA B 51 0.49 -15.25 -15.61
C ALA B 51 1.34 -15.87 -14.51
N PRO B 52 0.98 -17.08 -14.06
CA PRO B 52 1.72 -17.79 -13.00
C PRO B 52 3.15 -18.08 -13.41
N SER B 53 4.09 -17.74 -12.53
CA SER B 53 5.51 -17.97 -12.80
C SER B 53 6.36 -17.56 -11.60
N THR B 54 7.51 -16.95 -11.87
CA THR B 54 8.41 -16.50 -10.80
C THR B 54 9.60 -15.73 -11.38
N SER B 55 9.95 -14.63 -10.73
CA SER B 55 11.07 -13.81 -11.18
C SER B 55 12.37 -14.59 -11.18
N ALA B 56 13.09 -14.53 -12.30
CA ALA B 56 14.36 -15.25 -12.44
C ALA B 56 15.01 -14.93 -13.79
N ILE B 57 15.58 -15.96 -14.42
CA ILE B 57 16.22 -15.79 -15.72
C ILE B 57 16.69 -17.12 -16.28
N SER B 58 16.45 -17.33 -17.58
CA SER B 58 16.85 -18.58 -18.23
C SER B 58 16.62 -18.48 -19.74
N GLU B 59 15.48 -17.92 -20.13
CA GLU B 59 15.14 -17.78 -21.54
C GLU B 59 13.87 -16.94 -21.71
N ASP B 60 13.89 -16.03 -22.67
CA ASP B 60 12.75 -15.16 -22.95
C ASP B 60 12.40 -14.33 -21.72
N GLY A 1 -8.79 23.13 10.88
CA GLY A 1 -9.94 22.19 10.84
C GLY A 1 -10.07 21.50 9.49
N SER A 2 -10.30 20.18 9.52
CA SER A 2 -10.44 19.39 8.30
C SER A 2 -9.15 19.38 7.50
N ALA A 3 -8.78 18.19 7.02
CA ALA A 3 -7.56 18.02 6.24
C ALA A 3 -7.46 16.60 5.68
N ALA A 4 -6.25 16.04 5.70
CA ALA A 4 -6.02 14.69 5.21
C ALA A 4 -6.80 13.67 6.03
N SER A 5 -6.73 13.79 7.36
CA SER A 5 -7.43 12.88 8.25
C SER A 5 -6.99 11.43 8.01
N PRO A 6 -5.68 11.13 8.17
CA PRO A 6 -5.17 9.78 7.96
C PRO A 6 -5.70 8.79 8.99
N ALA A 7 -5.07 7.61 9.06
CA ALA A 7 -5.48 6.58 9.99
C ALA A 7 -6.98 6.39 9.98
N VAL A 8 -7.55 6.43 8.80
CA VAL A 8 -8.97 6.24 8.61
C VAL A 8 -9.29 4.76 8.67
N ASP A 9 -8.87 4.16 9.78
CA ASP A 9 -9.03 2.73 10.01
C ASP A 9 -7.93 2.02 9.24
N ILE A 10 -7.14 2.85 8.58
CA ILE A 10 -5.99 2.48 7.80
C ILE A 10 -6.27 1.51 6.66
N GLY A 11 -7.06 0.47 6.89
CA GLY A 11 -7.39 -0.43 5.82
C GLY A 11 -8.23 0.25 4.80
N ASP A 12 -8.71 1.42 5.18
CA ASP A 12 -9.49 2.23 4.30
C ASP A 12 -8.56 2.88 3.29
N ARG A 13 -7.42 3.28 3.82
CA ARG A 13 -6.36 3.88 3.05
C ARG A 13 -5.94 2.91 1.97
N LEU A 14 -5.68 1.72 2.45
CA LEU A 14 -5.25 0.57 1.68
C LEU A 14 -6.30 0.11 0.68
N ASP A 15 -7.49 -0.17 1.19
CA ASP A 15 -8.58 -0.63 0.37
C ASP A 15 -8.72 0.27 -0.83
N GLU A 16 -8.91 1.56 -0.55
CA GLU A 16 -9.05 2.57 -1.58
C GLU A 16 -7.86 2.56 -2.53
N LEU A 17 -6.70 2.22 -1.99
CA LEU A 17 -5.49 2.16 -2.77
C LEU A 17 -5.58 1.01 -3.76
N GLU A 18 -6.20 -0.06 -3.29
CA GLU A 18 -6.41 -1.24 -4.11
C GLU A 18 -7.46 -0.95 -5.14
N LYS A 19 -8.49 -0.28 -4.71
CA LYS A 19 -9.57 0.06 -5.59
C LYS A 19 -9.01 0.90 -6.72
N ALA A 20 -8.05 1.74 -6.36
CA ALA A 20 -7.39 2.60 -7.31
C ALA A 20 -6.54 1.79 -8.25
N LEU A 21 -5.75 0.95 -7.65
CA LEU A 21 -4.87 0.09 -8.35
C LEU A 21 -5.61 -0.76 -9.34
N GLU A 22 -6.71 -1.31 -8.88
CA GLU A 22 -7.55 -2.12 -9.73
C GLU A 22 -7.79 -1.41 -11.04
N ALA A 23 -7.80 -0.10 -10.95
CA ALA A 23 -7.99 0.74 -12.10
C ALA A 23 -6.70 0.77 -12.91
N LEU A 24 -5.59 0.97 -12.21
CA LEU A 24 -4.28 1.03 -12.84
C LEU A 24 -3.64 -0.35 -13.02
N SER A 25 -4.44 -1.39 -12.86
CA SER A 25 -3.95 -2.76 -12.97
C SER A 25 -3.10 -2.95 -14.22
N ALA A 26 -1.81 -2.64 -14.09
CA ALA A 26 -0.86 -2.78 -15.21
C ALA A 26 -1.38 -2.08 -16.45
N GLU A 27 -2.09 -1.00 -16.20
CA GLU A 27 -2.70 -0.20 -17.26
C GLU A 27 -1.69 0.42 -18.20
N ASP A 28 -0.55 0.85 -17.67
CA ASP A 28 0.46 1.49 -18.50
C ASP A 28 1.81 1.48 -17.83
N GLY A 29 2.19 0.31 -17.38
CA GLY A 29 3.46 0.14 -16.72
C GLY A 29 3.54 0.99 -15.48
N HIS A 30 2.50 0.90 -14.65
CA HIS A 30 2.46 1.67 -13.42
C HIS A 30 3.38 1.07 -12.36
N ASP A 31 4.58 0.69 -12.78
CA ASP A 31 5.57 0.13 -11.86
C ASP A 31 5.85 1.11 -10.73
N ASP A 32 5.48 2.37 -10.95
CA ASP A 32 5.67 3.41 -9.94
C ASP A 32 4.81 3.14 -8.75
N VAL A 33 3.66 2.55 -9.02
CA VAL A 33 2.72 2.21 -8.00
C VAL A 33 3.30 1.20 -7.03
N GLY A 34 3.89 0.15 -7.56
CA GLY A 34 4.49 -0.88 -6.73
C GLY A 34 5.63 -0.32 -5.91
N GLN A 35 6.37 0.58 -6.52
CA GLN A 35 7.49 1.22 -5.86
C GLN A 35 7.01 1.94 -4.62
N ARG A 36 5.85 2.55 -4.73
CA ARG A 36 5.24 3.25 -3.62
C ARG A 36 4.69 2.22 -2.66
N LEU A 37 4.00 1.25 -3.23
CA LEU A 37 3.43 0.15 -2.49
C LEU A 37 4.46 -0.53 -1.61
N GLU A 38 5.64 -0.70 -2.18
CA GLU A 38 6.73 -1.34 -1.48
C GLU A 38 7.31 -0.40 -0.46
N SER A 39 7.56 0.81 -0.89
CA SER A 39 8.10 1.83 -0.01
C SER A 39 7.25 1.92 1.25
N LEU A 40 5.94 1.91 1.06
CA LEU A 40 5.00 1.96 2.15
C LEU A 40 5.32 0.88 3.18
N LEU A 41 5.42 -0.35 2.69
CA LEU A 41 5.70 -1.48 3.55
C LEU A 41 7.12 -1.50 4.05
N ARG A 42 8.07 -1.48 3.13
CA ARG A 42 9.46 -1.52 3.52
C ARG A 42 9.69 -0.53 4.65
N ARG A 43 8.88 0.52 4.66
CA ARG A 43 8.95 1.50 5.70
C ARG A 43 8.07 1.08 6.86
N TRP A 44 6.95 0.43 6.51
CA TRP A 44 6.01 -0.08 7.49
C TRP A 44 6.62 -1.24 8.26
N ASN A 45 7.00 -2.30 7.54
CA ASN A 45 7.60 -3.47 8.13
C ASN A 45 8.84 -3.12 8.94
N SER A 46 9.54 -2.10 8.49
CA SER A 46 10.76 -1.65 9.16
C SER A 46 10.44 -1.16 10.57
N ARG A 47 9.42 -0.33 10.68
CA ARG A 47 9.00 0.21 11.97
C ARG A 47 8.65 -0.92 12.92
N ARG A 48 8.11 -1.99 12.36
CA ARG A 48 7.76 -3.17 13.14
C ARG A 48 8.96 -3.64 13.93
N ALA A 49 10.04 -3.86 13.19
CA ALA A 49 11.31 -4.31 13.77
C ALA A 49 11.81 -3.35 14.83
N ASP A 50 11.60 -2.07 14.59
CA ASP A 50 12.02 -1.02 15.51
C ASP A 50 13.47 -1.23 15.94
N ALA A 51 14.31 -1.61 14.98
CA ALA A 51 15.72 -1.85 15.25
C ALA A 51 16.52 -1.99 13.95
N PRO A 52 16.56 -0.92 13.13
CA PRO A 52 17.28 -0.91 11.86
C PRO A 52 18.80 -0.99 12.05
N SER A 53 19.53 -0.16 11.31
CA SER A 53 20.98 -0.14 11.40
C SER A 53 21.56 1.07 10.65
N THR A 54 21.05 2.25 10.98
CA THR A 54 21.49 3.47 10.35
C THR A 54 20.98 4.70 11.10
N SER A 55 19.72 4.63 11.55
CA SER A 55 19.11 5.73 12.28
C SER A 55 19.90 6.05 13.54
N ALA A 56 20.31 5.01 14.25
CA ALA A 56 21.08 5.18 15.48
C ALA A 56 22.39 5.91 15.21
N ILE A 57 22.74 6.83 16.11
CA ILE A 57 23.96 7.61 15.96
C ILE A 57 25.20 6.71 15.91
N SER A 58 26.22 7.15 15.18
CA SER A 58 27.44 6.38 15.04
C SER A 58 28.23 6.36 16.35
N GLU A 59 29.55 6.51 16.24
CA GLU A 59 30.42 6.50 17.42
C GLU A 59 31.66 7.35 17.18
N ASP A 60 31.45 8.53 16.60
CA ASP A 60 32.56 9.45 16.30
C ASP A 60 33.26 9.87 17.58
N GLY B 1 -23.61 9.62 -9.06
CA GLY B 1 -22.63 10.75 -9.10
C GLY B 1 -21.84 10.88 -7.82
N SER B 2 -20.53 11.07 -7.95
CA SER B 2 -19.64 11.22 -6.79
C SER B 2 -19.61 9.93 -5.96
N ALA B 3 -18.41 9.51 -5.59
CA ALA B 3 -18.23 8.31 -4.79
C ALA B 3 -16.77 8.14 -4.37
N ALA B 4 -16.27 6.91 -4.41
CA ALA B 4 -14.90 6.63 -4.04
C ALA B 4 -13.92 7.39 -4.92
N SER B 5 -14.18 7.37 -6.23
CA SER B 5 -13.33 8.05 -7.19
C SER B 5 -11.88 7.57 -7.09
N PRO B 6 -11.65 6.25 -7.23
CA PRO B 6 -10.30 5.68 -7.15
C PRO B 6 -9.41 6.17 -8.29
N ALA B 7 -8.34 5.44 -8.57
CA ALA B 7 -7.41 5.80 -9.62
C ALA B 7 -7.06 7.28 -9.54
N VAL B 8 -6.96 7.79 -8.31
CA VAL B 8 -6.63 9.19 -8.07
C VAL B 8 -5.14 9.43 -8.28
N ASP B 9 -4.67 9.12 -9.50
CA ASP B 9 -3.27 9.27 -9.84
C ASP B 9 -2.47 8.10 -9.27
N ILE B 10 -3.13 7.30 -8.42
CA ILE B 10 -2.52 6.13 -7.78
C ILE B 10 -1.49 6.54 -6.73
N GLY B 11 -0.69 7.57 -7.05
CA GLY B 11 0.30 8.05 -6.11
C GLY B 11 -0.35 8.67 -4.89
N ASP B 12 -1.51 9.29 -5.11
CA ASP B 12 -2.25 9.93 -4.03
C ASP B 12 -2.72 8.88 -3.03
N ARG B 13 -3.23 7.77 -3.55
CA ARG B 13 -3.71 6.68 -2.71
C ARG B 13 -2.58 6.18 -1.81
N LEU B 14 -1.43 5.94 -2.44
CA LEU B 14 -0.23 5.47 -1.75
C LEU B 14 0.28 6.51 -0.76
N ASP B 15 0.33 7.77 -1.21
CA ASP B 15 0.82 8.85 -0.38
C ASP B 15 -0.02 8.97 0.89
N GLU B 16 -1.33 9.00 0.73
CA GLU B 16 -2.23 9.09 1.87
C GLU B 16 -2.07 7.88 2.78
N LEU B 17 -1.92 6.71 2.16
CA LEU B 17 -1.71 5.47 2.91
C LEU B 17 -0.44 5.57 3.73
N GLU B 18 0.58 6.23 3.16
CA GLU B 18 1.86 6.41 3.84
C GLU B 18 1.70 7.35 5.01
N LYS B 19 1.17 8.54 4.73
CA LYS B 19 0.96 9.55 5.77
C LYS B 19 0.14 8.95 6.89
N ALA B 20 -0.77 8.06 6.51
CA ALA B 20 -1.63 7.38 7.46
C ALA B 20 -0.83 6.42 8.34
N LEU B 21 0.01 5.58 7.72
CA LEU B 21 0.81 4.64 8.48
C LEU B 21 1.67 5.38 9.49
N GLU B 22 2.20 6.53 9.07
CA GLU B 22 3.04 7.34 9.95
C GLU B 22 2.37 7.47 11.30
N ALA B 23 1.04 7.53 11.28
CA ALA B 23 0.25 7.63 12.50
C ALA B 23 0.19 6.29 13.22
N LEU B 24 -0.05 5.22 12.45
CA LEU B 24 -0.13 3.87 13.01
C LEU B 24 1.23 3.19 13.01
N SER B 25 2.29 3.96 12.75
CA SER B 25 3.63 3.41 12.69
C SER B 25 3.95 2.54 13.90
N ALA B 26 3.51 1.28 13.83
CA ALA B 26 3.72 0.32 14.89
C ALA B 26 3.32 0.89 16.25
N GLU B 27 2.19 1.60 16.27
CA GLU B 27 1.69 2.21 17.50
C GLU B 27 1.15 1.16 18.48
N ASP B 28 0.50 0.13 17.95
CA ASP B 28 -0.07 -0.90 18.81
C ASP B 28 -0.20 -2.23 18.05
N GLY B 29 0.92 -2.71 17.51
CA GLY B 29 0.90 -3.95 16.78
C GLY B 29 -0.01 -3.89 15.57
N HIS B 30 0.16 -2.84 14.78
CA HIS B 30 -0.64 -2.63 13.58
C HIS B 30 -0.21 -3.57 12.45
N ASP B 31 0.19 -4.79 12.81
CA ASP B 31 0.61 -5.77 11.82
C ASP B 31 -0.43 -5.90 10.71
N ASP B 32 -1.68 -5.62 11.05
CA ASP B 32 -2.77 -5.70 10.08
C ASP B 32 -2.49 -4.80 8.89
N VAL B 33 -1.99 -3.60 9.16
CA VAL B 33 -1.66 -2.65 8.10
C VAL B 33 -0.64 -3.27 7.14
N GLY B 34 0.27 -4.07 7.70
CA GLY B 34 1.28 -4.73 6.89
C GLY B 34 0.67 -5.79 5.99
N GLN B 35 -0.27 -6.54 6.52
CA GLN B 35 -0.94 -7.59 5.76
C GLN B 35 -1.69 -6.99 4.58
N ARG B 36 -2.38 -5.88 4.83
CA ARG B 36 -3.13 -5.19 3.79
C ARG B 36 -2.17 -4.60 2.77
N LEU B 37 -1.18 -3.88 3.26
CA LEU B 37 -0.17 -3.25 2.40
C LEU B 37 0.50 -4.31 1.53
N GLU B 38 0.76 -5.46 2.13
CA GLU B 38 1.39 -6.56 1.42
C GLU B 38 0.43 -7.18 0.41
N SER B 39 -0.83 -7.29 0.80
CA SER B 39 -1.86 -7.85 -0.07
C SER B 39 -2.03 -6.99 -1.32
N LEU B 40 -2.04 -5.68 -1.14
CA LEU B 40 -2.18 -4.76 -2.25
C LEU B 40 -1.05 -4.94 -3.26
N LEU B 41 0.17 -4.98 -2.74
CA LEU B 41 1.36 -5.13 -3.56
C LEU B 41 1.46 -6.54 -4.15
N ARG B 42 1.11 -7.56 -3.36
CA ARG B 42 1.16 -8.94 -3.83
C ARG B 42 0.26 -9.11 -5.04
N ARG B 43 -0.97 -8.58 -4.93
CA ARG B 43 -1.93 -8.65 -6.01
C ARG B 43 -1.51 -7.71 -7.13
N TRP B 44 -0.98 -6.55 -6.75
CA TRP B 44 -0.51 -5.55 -7.69
C TRP B 44 0.56 -6.13 -8.62
N ASN B 45 1.57 -6.75 -8.03
CA ASN B 45 2.67 -7.36 -8.79
C ASN B 45 2.16 -8.56 -9.57
N SER B 46 1.27 -9.34 -8.96
CA SER B 46 0.72 -10.52 -9.60
C SER B 46 0.12 -10.15 -10.96
N ARG B 47 -0.59 -9.03 -10.99
CA ARG B 47 -1.21 -8.55 -12.22
C ARG B 47 -0.13 -8.22 -13.25
N ARG B 48 1.00 -7.68 -12.77
CA ARG B 48 2.10 -7.32 -13.64
C ARG B 48 2.55 -8.51 -14.48
N ALA B 49 2.73 -9.65 -13.81
CA ALA B 49 3.15 -10.86 -14.48
C ALA B 49 2.11 -11.31 -15.51
N ASP B 50 0.84 -11.22 -15.12
CA ASP B 50 -0.27 -11.60 -15.98
C ASP B 50 -0.09 -13.04 -16.47
N ALA B 51 0.26 -13.93 -15.53
CA ALA B 51 0.46 -15.34 -15.84
C ALA B 51 0.67 -16.16 -14.57
N PRO B 52 -0.32 -16.15 -13.66
CA PRO B 52 -0.24 -16.89 -12.40
C PRO B 52 -0.22 -18.41 -12.62
N SER B 53 -1.01 -19.13 -11.83
CA SER B 53 -1.07 -20.59 -11.94
C SER B 53 -2.24 -21.14 -11.13
N THR B 54 -3.43 -20.59 -11.36
CA THR B 54 -4.63 -21.02 -10.65
C THR B 54 -5.88 -20.46 -11.30
N SER B 55 -5.81 -19.19 -11.73
CA SER B 55 -6.94 -18.52 -12.36
C SER B 55 -7.36 -19.27 -13.63
N ALA B 56 -6.39 -19.69 -14.42
CA ALA B 56 -6.66 -20.41 -15.65
C ALA B 56 -7.41 -21.71 -15.37
N ILE B 57 -8.41 -22.01 -16.20
CA ILE B 57 -9.20 -23.23 -16.04
C ILE B 57 -8.32 -24.48 -16.07
N SER B 58 -8.73 -25.48 -15.31
CA SER B 58 -7.98 -26.74 -15.22
C SER B 58 -8.05 -27.50 -16.55
N GLU B 59 -8.23 -28.81 -16.46
CA GLU B 59 -8.33 -29.65 -17.66
C GLU B 59 -9.19 -30.88 -17.40
N ASP B 60 -10.32 -30.68 -16.74
CA ASP B 60 -11.23 -31.77 -16.42
C ASP B 60 -11.75 -32.43 -17.69
N GLY A 1 -2.92 24.40 9.78
CA GLY A 1 -4.31 24.01 9.41
C GLY A 1 -4.35 22.68 8.66
N SER A 2 -3.60 21.70 9.16
CA SER A 2 -3.55 20.39 8.54
C SER A 2 -4.88 19.65 8.72
N ALA A 3 -4.81 18.34 8.96
CA ALA A 3 -6.01 17.52 9.15
C ALA A 3 -5.65 16.11 9.58
N ALA A 4 -6.37 15.61 10.58
CA ALA A 4 -6.13 14.27 11.10
C ALA A 4 -6.79 13.20 10.22
N SER A 5 -6.64 13.35 8.91
CA SER A 5 -7.22 12.40 7.96
C SER A 5 -6.58 11.02 8.05
N PRO A 6 -5.23 10.92 8.15
CA PRO A 6 -4.54 9.63 8.23
C PRO A 6 -5.11 8.73 9.30
N ALA A 7 -4.79 7.45 9.19
CA ALA A 7 -5.26 6.44 10.13
C ALA A 7 -6.78 6.36 10.13
N VAL A 8 -7.33 6.44 8.92
CA VAL A 8 -8.75 6.33 8.71
C VAL A 8 -9.13 4.87 8.77
N ASP A 9 -8.73 4.26 9.87
CA ASP A 9 -8.93 2.84 10.09
C ASP A 9 -7.93 2.11 9.21
N ILE A 10 -7.06 2.95 8.63
CA ILE A 10 -5.96 2.56 7.76
C ILE A 10 -6.35 1.66 6.59
N GLY A 11 -7.03 0.54 6.86
CA GLY A 11 -7.44 -0.34 5.80
C GLY A 11 -8.33 0.35 4.83
N ASP A 12 -8.79 1.52 5.22
CA ASP A 12 -9.65 2.30 4.38
C ASP A 12 -8.86 2.88 3.23
N ARG A 13 -7.63 3.26 3.54
CA ARG A 13 -6.71 3.81 2.57
C ARG A 13 -6.26 2.72 1.64
N LEU A 14 -5.87 1.65 2.29
CA LEU A 14 -5.39 0.44 1.68
C LEU A 14 -6.42 -0.16 0.74
N ASP A 15 -7.62 -0.31 1.24
CA ASP A 15 -8.73 -0.86 0.47
C ASP A 15 -8.92 -0.07 -0.81
N GLU A 16 -9.03 1.24 -0.65
CA GLU A 16 -9.22 2.14 -1.78
C GLU A 16 -7.99 2.14 -2.68
N LEU A 17 -6.86 1.80 -2.07
CA LEU A 17 -5.58 1.76 -2.77
C LEU A 17 -5.57 0.63 -3.78
N GLU A 18 -6.02 -0.52 -3.35
CA GLU A 18 -6.10 -1.69 -4.20
C GLU A 18 -7.15 -1.49 -5.26
N LYS A 19 -8.25 -0.92 -4.83
CA LYS A 19 -9.33 -0.65 -5.73
C LYS A 19 -8.86 0.31 -6.80
N ALA A 20 -8.02 1.26 -6.37
CA ALA A 20 -7.45 2.22 -7.28
C ALA A 20 -6.57 1.52 -8.27
N LEU A 21 -5.71 0.71 -7.70
CA LEU A 21 -4.77 -0.06 -8.42
C LEU A 21 -5.45 -0.92 -9.45
N GLU A 22 -6.53 -1.54 -9.05
CA GLU A 22 -7.31 -2.37 -9.94
C GLU A 22 -7.51 -1.64 -11.25
N ALA A 23 -7.62 -0.34 -11.13
CA ALA A 23 -7.77 0.51 -12.28
C ALA A 23 -6.42 0.67 -12.98
N LEU A 24 -5.40 0.94 -12.18
CA LEU A 24 -4.03 1.10 -12.70
C LEU A 24 -3.41 -0.25 -13.00
N SER A 25 -4.24 -1.28 -13.02
CA SER A 25 -3.79 -2.65 -13.27
C SER A 25 -2.85 -2.76 -14.46
N ALA A 26 -1.59 -2.41 -14.24
CA ALA A 26 -0.56 -2.48 -15.27
C ALA A 26 -1.05 -1.91 -16.60
N GLU A 27 -1.97 -0.98 -16.49
CA GLU A 27 -2.56 -0.34 -17.67
C GLU A 27 -1.57 0.49 -18.45
N ASP A 28 -0.57 1.04 -17.78
CA ASP A 28 0.41 1.86 -18.46
C ASP A 28 1.74 1.88 -17.73
N GLY A 29 2.21 0.70 -17.42
CA GLY A 29 3.47 0.56 -16.75
C GLY A 29 3.53 1.34 -15.47
N HIS A 30 2.52 1.17 -14.63
CA HIS A 30 2.46 1.87 -13.36
C HIS A 30 3.39 1.24 -12.33
N ASP A 31 4.60 0.91 -12.79
CA ASP A 31 5.61 0.32 -11.92
C ASP A 31 5.90 1.23 -10.73
N ASP A 32 5.56 2.50 -10.89
CA ASP A 32 5.76 3.49 -9.83
C ASP A 32 4.87 3.17 -8.66
N VAL A 33 3.72 2.59 -8.96
CA VAL A 33 2.79 2.23 -7.95
C VAL A 33 3.37 1.21 -6.99
N GLY A 34 3.95 0.15 -7.54
CA GLY A 34 4.57 -0.86 -6.70
C GLY A 34 5.74 -0.28 -5.95
N GLN A 35 6.32 0.75 -6.53
CA GLN A 35 7.44 1.44 -5.94
C GLN A 35 6.96 2.19 -4.70
N ARG A 36 5.77 2.76 -4.82
CA ARG A 36 5.13 3.46 -3.75
C ARG A 36 4.67 2.44 -2.73
N LEU A 37 4.01 1.41 -3.25
CA LEU A 37 3.49 0.32 -2.49
C LEU A 37 4.55 -0.32 -1.63
N GLU A 38 5.69 -0.59 -2.24
CA GLU A 38 6.78 -1.21 -1.53
C GLU A 38 7.29 -0.28 -0.46
N SER A 39 7.52 0.94 -0.87
CA SER A 39 7.98 1.98 0.03
C SER A 39 7.10 1.99 1.27
N LEU A 40 5.81 1.90 1.05
CA LEU A 40 4.84 1.88 2.12
C LEU A 40 5.23 0.85 3.17
N LEU A 41 5.40 -0.38 2.72
CA LEU A 41 5.76 -1.47 3.60
C LEU A 41 7.19 -1.42 4.08
N ARG A 42 8.12 -1.35 3.15
CA ARG A 42 9.52 -1.31 3.54
C ARG A 42 9.71 -0.31 4.66
N ARG A 43 8.82 0.66 4.69
CA ARG A 43 8.83 1.67 5.74
C ARG A 43 7.97 1.20 6.88
N TRP A 44 6.87 0.51 6.53
CA TRP A 44 5.94 -0.02 7.50
C TRP A 44 6.58 -1.18 8.28
N ASN A 45 7.00 -2.20 7.56
CA ASN A 45 7.61 -3.38 8.15
C ASN A 45 8.81 -3.01 9.01
N SER A 46 9.54 -2.01 8.56
CA SER A 46 10.74 -1.54 9.26
C SER A 46 10.38 -0.95 10.62
N ARG A 47 9.35 -0.10 10.64
CA ARG A 47 8.90 0.53 11.87
C ARG A 47 8.51 -0.52 12.89
N ARG A 48 7.93 -1.61 12.40
CA ARG A 48 7.53 -2.71 13.27
C ARG A 48 8.70 -3.16 14.11
N ALA A 49 9.81 -3.44 13.43
CA ALA A 49 11.02 -3.88 14.10
C ALA A 49 11.48 -2.85 15.13
N ASP A 50 11.35 -1.59 14.75
CA ASP A 50 11.74 -0.48 15.62
C ASP A 50 10.63 -0.17 16.63
N ALA A 51 10.12 -1.20 17.27
CA ALA A 51 9.05 -1.04 18.25
C ALA A 51 9.45 -0.06 19.36
N PRO A 52 8.58 0.91 19.68
CA PRO A 52 8.84 1.91 20.72
C PRO A 52 9.08 1.29 22.10
N SER A 53 8.35 0.22 22.38
CA SER A 53 8.47 -0.46 23.67
C SER A 53 9.73 -1.33 23.72
N THR A 54 10.87 -0.74 23.37
CA THR A 54 12.14 -1.45 23.39
C THR A 54 12.44 -2.00 24.79
N SER A 55 12.93 -3.24 24.85
CA SER A 55 13.26 -3.87 26.12
C SER A 55 14.00 -5.19 25.89
N ALA A 56 14.95 -5.17 24.96
CA ALA A 56 15.73 -6.36 24.64
C ALA A 56 16.84 -6.58 25.68
N ILE A 57 16.48 -6.45 26.97
CA ILE A 57 17.44 -6.64 28.04
C ILE A 57 18.00 -8.06 28.03
N SER A 58 19.31 -8.16 28.20
CA SER A 58 19.99 -9.46 28.22
C SER A 58 19.61 -10.26 29.47
N GLU A 59 20.61 -10.90 30.08
CA GLU A 59 20.37 -11.69 31.28
C GLU A 59 19.80 -10.83 32.40
N ASP A 60 18.78 -11.34 33.07
CA ASP A 60 18.14 -10.62 34.17
C ASP A 60 17.11 -11.51 34.88
N GLY B 1 -24.98 3.80 -7.95
CA GLY B 1 -24.51 5.15 -7.54
C GLY B 1 -23.13 5.11 -6.91
N SER B 2 -22.22 4.38 -7.55
CA SER B 2 -20.84 4.27 -7.05
C SER B 2 -20.11 5.60 -7.17
N ALA B 3 -18.84 5.54 -7.58
CA ALA B 3 -18.03 6.74 -7.73
C ALA B 3 -16.66 6.39 -8.32
N ALA B 4 -16.22 7.19 -9.30
CA ALA B 4 -14.93 6.97 -9.94
C ALA B 4 -13.79 7.46 -9.07
N SER B 5 -13.90 7.24 -7.77
CA SER B 5 -12.88 7.66 -6.82
C SER B 5 -11.54 6.94 -7.10
N PRO B 6 -11.57 5.61 -7.31
CA PRO B 6 -10.36 4.83 -7.59
C PRO B 6 -9.55 5.43 -8.73
N ALA B 7 -8.27 5.08 -8.79
CA ALA B 7 -7.37 5.57 -9.82
C ALA B 7 -7.18 7.08 -9.70
N VAL B 8 -7.08 7.54 -8.45
CA VAL B 8 -6.89 8.95 -8.18
C VAL B 8 -5.41 9.31 -8.39
N ASP B 9 -4.93 9.01 -9.60
CA ASP B 9 -3.54 9.24 -9.96
C ASP B 9 -2.67 8.14 -9.35
N ILE B 10 -3.32 7.28 -8.56
CA ILE B 10 -2.68 6.15 -7.89
C ILE B 10 -1.68 6.59 -6.82
N GLY B 11 -0.80 7.53 -7.16
CA GLY B 11 0.17 8.02 -6.21
C GLY B 11 -0.45 8.70 -5.01
N ASP B 12 -1.57 9.39 -5.23
CA ASP B 12 -2.26 10.09 -4.15
C ASP B 12 -2.60 9.16 -3.00
N ARG B 13 -3.19 8.02 -3.30
CA ARG B 13 -3.54 7.04 -2.27
C ARG B 13 -2.29 6.49 -1.60
N LEU B 14 -1.28 6.19 -2.42
CA LEU B 14 -0.03 5.66 -1.91
C LEU B 14 0.60 6.60 -0.89
N ASP B 15 0.64 7.88 -1.23
CA ASP B 15 1.22 8.90 -0.36
C ASP B 15 0.42 9.01 0.94
N GLU B 16 -0.89 9.15 0.81
CA GLU B 16 -1.76 9.28 1.99
C GLU B 16 -1.69 8.04 2.86
N LEU B 17 -1.63 6.87 2.23
CA LEU B 17 -1.55 5.61 2.98
C LEU B 17 -0.29 5.58 3.84
N GLU B 18 0.82 6.03 3.25
CA GLU B 18 2.10 6.06 3.97
C GLU B 18 2.03 7.05 5.12
N LYS B 19 1.63 8.28 4.80
CA LYS B 19 1.50 9.33 5.79
C LYS B 19 0.66 8.83 6.96
N ALA B 20 -0.34 8.03 6.64
CA ALA B 20 -1.22 7.46 7.64
C ALA B 20 -0.49 6.46 8.52
N LEU B 21 0.27 5.56 7.88
CA LEU B 21 1.02 4.56 8.63
C LEU B 21 1.95 5.23 9.63
N GLU B 22 2.53 6.35 9.22
CA GLU B 22 3.44 7.09 10.08
C GLU B 22 2.83 7.26 11.47
N ALA B 23 1.53 7.53 11.50
CA ALA B 23 0.81 7.69 12.75
C ALA B 23 0.62 6.34 13.44
N LEU B 24 0.26 5.34 12.64
CA LEU B 24 0.03 3.99 13.14
C LEU B 24 1.31 3.17 13.13
N SER B 25 2.43 3.84 12.93
CA SER B 25 3.73 3.18 12.84
C SER B 25 3.98 2.25 14.02
N ALA B 26 3.38 1.06 13.94
CA ALA B 26 3.54 0.04 14.97
C ALA B 26 3.27 0.59 16.36
N GLU B 27 2.30 1.48 16.49
CA GLU B 27 1.95 2.06 17.78
C GLU B 27 1.19 1.07 18.65
N ASP B 28 0.42 0.19 18.02
CA ASP B 28 -0.37 -0.79 18.76
C ASP B 28 -0.50 -2.10 17.98
N GLY B 29 0.64 -2.67 17.60
CA GLY B 29 0.63 -3.91 16.85
C GLY B 29 -0.24 -3.84 15.61
N HIS B 30 -0.04 -2.81 14.81
CA HIS B 30 -0.81 -2.62 13.59
C HIS B 30 -0.37 -3.57 12.48
N ASP B 31 0.00 -4.80 12.86
CA ASP B 31 0.43 -5.80 11.90
C ASP B 31 -0.58 -5.91 10.76
N ASP B 32 -1.84 -5.66 11.07
CA ASP B 32 -2.90 -5.71 10.08
C ASP B 32 -2.58 -4.82 8.88
N VAL B 33 -2.06 -3.62 9.17
CA VAL B 33 -1.71 -2.69 8.10
C VAL B 33 -0.71 -3.33 7.14
N GLY B 34 0.22 -4.10 7.71
CA GLY B 34 1.20 -4.79 6.89
C GLY B 34 0.56 -5.87 6.04
N GLN B 35 -0.45 -6.53 6.61
CA GLN B 35 -1.16 -7.59 5.91
C GLN B 35 -1.86 -7.03 4.67
N ARG B 36 -2.59 -5.94 4.85
CA ARG B 36 -3.30 -5.30 3.75
C ARG B 36 -2.32 -4.66 2.78
N LEU B 37 -1.35 -3.95 3.32
CA LEU B 37 -0.33 -3.28 2.51
C LEU B 37 0.37 -4.30 1.62
N GLU B 38 0.74 -5.42 2.22
CA GLU B 38 1.41 -6.50 1.50
C GLU B 38 0.45 -7.12 0.50
N SER B 39 -0.81 -7.22 0.89
CA SER B 39 -1.84 -7.78 0.01
C SER B 39 -1.96 -6.92 -1.25
N LEU B 40 -1.80 -5.61 -1.07
CA LEU B 40 -1.88 -4.68 -2.18
C LEU B 40 -0.89 -5.05 -3.26
N LEU B 41 0.37 -5.26 -2.85
CA LEU B 41 1.43 -5.61 -3.77
C LEU B 41 1.32 -7.05 -4.27
N ARG B 42 0.98 -7.97 -3.39
CA ARG B 42 0.84 -9.37 -3.79
C ARG B 42 -0.11 -9.47 -4.97
N ARG B 43 -1.16 -8.64 -4.95
CA ARG B 43 -2.14 -8.61 -6.02
C ARG B 43 -1.67 -7.68 -7.14
N TRP B 44 -1.07 -6.56 -6.74
CA TRP B 44 -0.56 -5.56 -7.68
C TRP B 44 0.46 -6.17 -8.65
N ASN B 45 1.50 -6.77 -8.08
CA ASN B 45 2.56 -7.40 -8.86
C ASN B 45 2.02 -8.56 -9.69
N SER B 46 1.15 -9.38 -9.10
CA SER B 46 0.57 -10.51 -9.80
C SER B 46 -0.11 -10.06 -11.09
N ARG B 47 -0.87 -8.98 -10.99
CA ARG B 47 -1.57 -8.43 -12.15
C ARG B 47 -0.57 -8.03 -13.23
N ARG B 48 0.58 -7.51 -12.81
CA ARG B 48 1.64 -7.12 -13.75
C ARG B 48 2.03 -8.28 -14.65
N ALA B 49 2.25 -9.43 -14.03
CA ALA B 49 2.63 -10.64 -14.77
C ALA B 49 1.52 -11.04 -15.73
N ASP B 50 0.28 -11.00 -15.24
CA ASP B 50 -0.88 -11.36 -16.05
C ASP B 50 -1.27 -10.20 -16.96
N ALA B 51 -0.28 -9.62 -17.64
CA ALA B 51 -0.52 -8.50 -18.55
C ALA B 51 -1.57 -8.85 -19.61
N PRO B 52 -2.54 -7.96 -19.83
CA PRO B 52 -3.61 -8.18 -20.81
C PRO B 52 -3.07 -8.37 -22.22
N SER B 53 -1.99 -7.67 -22.53
CA SER B 53 -1.34 -7.75 -23.84
C SER B 53 -0.54 -9.03 -23.99
N THR B 54 -1.16 -10.17 -23.66
CA THR B 54 -0.50 -11.46 -23.78
C THR B 54 -0.06 -11.74 -25.22
N SER B 55 1.15 -12.26 -25.38
CA SER B 55 1.67 -12.57 -26.71
C SER B 55 2.99 -13.35 -26.60
N ALA B 56 3.02 -14.33 -25.70
CA ALA B 56 4.20 -15.15 -25.50
C ALA B 56 4.32 -16.22 -26.58
N ILE B 57 4.11 -15.83 -27.83
CA ILE B 57 4.19 -16.76 -28.95
C ILE B 57 5.58 -17.38 -29.06
N SER B 58 5.62 -18.69 -29.30
CA SER B 58 6.88 -19.40 -29.43
C SER B 58 7.62 -18.98 -30.70
N GLU B 59 8.20 -19.96 -31.40
CA GLU B 59 8.93 -19.68 -32.63
C GLU B 59 8.01 -19.07 -33.68
N ASP B 60 8.49 -18.03 -34.36
CA ASP B 60 7.72 -17.35 -35.38
C ASP B 60 8.57 -16.30 -36.10
N GLY A 1 -4.77 18.46 -2.06
CA GLY A 1 -4.50 19.17 -0.77
C GLY A 1 -5.66 19.04 0.20
N SER A 2 -6.02 20.16 0.84
CA SER A 2 -7.11 20.17 1.79
C SER A 2 -6.87 19.18 2.92
N ALA A 3 -5.64 19.19 3.45
CA ALA A 3 -5.27 18.29 4.54
C ALA A 3 -5.48 16.83 4.14
N ALA A 4 -6.01 16.03 5.07
CA ALA A 4 -6.25 14.61 4.81
C ALA A 4 -7.03 13.97 5.95
N SER A 5 -6.67 12.74 6.30
CA SER A 5 -7.35 12.03 7.39
C SER A 5 -6.67 10.68 7.67
N PRO A 6 -5.35 10.69 7.97
CA PRO A 6 -4.60 9.46 8.25
C PRO A 6 -5.21 8.63 9.37
N ALA A 7 -4.90 7.35 9.36
CA ALA A 7 -5.39 6.41 10.37
C ALA A 7 -6.91 6.33 10.34
N VAL A 8 -7.44 6.36 9.14
CA VAL A 8 -8.87 6.23 8.94
C VAL A 8 -9.23 4.77 8.95
N ASP A 9 -8.79 4.11 10.02
CA ASP A 9 -8.96 2.68 10.20
C ASP A 9 -7.88 2.00 9.39
N ILE A 10 -7.10 2.85 8.72
CA ILE A 10 -5.96 2.49 7.90
C ILE A 10 -6.30 1.56 6.74
N GLY A 11 -7.13 0.54 6.97
CA GLY A 11 -7.49 -0.34 5.88
C GLY A 11 -8.34 0.39 4.91
N ASP A 12 -8.78 1.56 5.32
CA ASP A 12 -9.57 2.40 4.48
C ASP A 12 -8.66 3.05 3.47
N ARG A 13 -7.49 3.40 3.97
CA ARG A 13 -6.43 3.99 3.19
C ARG A 13 -6.05 3.02 2.09
N LEU A 14 -5.77 1.83 2.55
CA LEU A 14 -5.38 0.68 1.75
C LEU A 14 -6.45 0.27 0.75
N ASP A 15 -7.64 0.05 1.26
CA ASP A 15 -8.76 -0.37 0.44
C ASP A 15 -8.86 0.53 -0.78
N GLU A 16 -8.82 1.83 -0.53
CA GLU A 16 -8.89 2.81 -1.60
C GLU A 16 -7.71 2.69 -2.55
N LEU A 17 -6.60 2.20 -2.02
CA LEU A 17 -5.38 2.03 -2.79
C LEU A 17 -5.50 0.87 -3.76
N GLU A 18 -5.98 -0.23 -3.23
CA GLU A 18 -6.16 -1.44 -4.01
C GLU A 18 -7.20 -1.22 -5.07
N LYS A 19 -8.27 -0.57 -4.67
CA LYS A 19 -9.34 -0.28 -5.57
C LYS A 19 -8.84 0.63 -6.67
N ALA A 20 -7.98 1.56 -6.26
CA ALA A 20 -7.37 2.49 -7.21
C ALA A 20 -6.53 1.72 -8.18
N LEU A 21 -5.74 0.86 -7.59
CA LEU A 21 -4.84 0.03 -8.31
C LEU A 21 -5.57 -0.83 -9.30
N GLU A 22 -6.68 -1.38 -8.84
CA GLU A 22 -7.51 -2.20 -9.69
C GLU A 22 -7.74 -1.49 -10.99
N ALA A 23 -7.74 -0.18 -10.91
CA ALA A 23 -7.92 0.65 -12.08
C ALA A 23 -6.63 0.67 -12.87
N LEU A 24 -5.52 0.89 -12.16
CA LEU A 24 -4.20 0.95 -12.80
C LEU A 24 -3.57 -0.42 -12.95
N SER A 25 -4.37 -1.48 -12.80
CA SER A 25 -3.87 -2.84 -12.90
C SER A 25 -2.98 -3.04 -14.13
N ALA A 26 -1.70 -2.73 -13.98
CA ALA A 26 -0.73 -2.87 -15.06
C ALA A 26 -1.22 -2.17 -16.32
N GLU A 27 -1.94 -1.10 -16.11
CA GLU A 27 -2.52 -0.32 -17.19
C GLU A 27 -1.49 0.26 -18.14
N ASP A 28 -0.35 0.67 -17.61
CA ASP A 28 0.69 1.24 -18.45
C ASP A 28 2.01 1.27 -17.75
N GLY A 29 2.39 0.12 -17.24
CA GLY A 29 3.64 -0.01 -16.54
C GLY A 29 3.68 0.89 -15.33
N HIS A 30 2.64 0.81 -14.51
CA HIS A 30 2.55 1.62 -13.31
C HIS A 30 3.47 1.10 -12.22
N ASP A 31 4.71 0.80 -12.60
CA ASP A 31 5.71 0.30 -11.67
C ASP A 31 5.90 1.31 -10.53
N ASP A 32 5.54 2.56 -10.81
CA ASP A 32 5.65 3.62 -9.83
C ASP A 32 4.73 3.35 -8.66
N VAL A 33 3.67 2.64 -8.95
CA VAL A 33 2.72 2.28 -7.94
C VAL A 33 3.32 1.27 -6.98
N GLY A 34 3.96 0.26 -7.53
CA GLY A 34 4.59 -0.76 -6.72
C GLY A 34 5.77 -0.22 -5.97
N GLN A 35 6.42 0.79 -6.54
CA GLN A 35 7.57 1.40 -5.90
C GLN A 35 7.13 2.11 -4.63
N ARG A 36 5.96 2.72 -4.71
CA ARG A 36 5.37 3.41 -3.58
C ARG A 36 4.83 2.36 -2.62
N LEU A 37 4.15 1.38 -3.20
CA LEU A 37 3.58 0.29 -2.48
C LEU A 37 4.62 -0.43 -1.65
N GLU A 38 5.76 -0.69 -2.27
CA GLU A 38 6.83 -1.39 -1.60
C GLU A 38 7.42 -0.50 -0.53
N SER A 39 7.74 0.70 -0.94
CA SER A 39 8.29 1.70 -0.03
C SER A 39 7.41 1.79 1.20
N LEU A 40 6.10 1.74 0.98
CA LEU A 40 5.14 1.79 2.04
C LEU A 40 5.44 0.75 3.10
N LEU A 41 5.59 -0.49 2.65
CA LEU A 41 5.87 -1.59 3.55
C LEU A 41 7.28 -1.58 4.07
N ARG A 42 8.25 -1.54 3.18
CA ARG A 42 9.64 -1.56 3.61
C ARG A 42 9.81 -0.55 4.73
N ARG A 43 8.96 0.47 4.71
CA ARG A 43 8.97 1.49 5.73
C ARG A 43 8.04 1.06 6.87
N TRP A 44 6.95 0.40 6.48
CA TRP A 44 5.98 -0.09 7.43
C TRP A 44 6.55 -1.24 8.25
N ASN A 45 6.96 -2.31 7.56
CA ASN A 45 7.53 -3.48 8.21
C ASN A 45 8.72 -3.12 9.08
N SER A 46 9.48 -2.14 8.63
CA SER A 46 10.67 -1.69 9.35
C SER A 46 10.29 -1.07 10.70
N ARG A 47 9.29 -0.19 10.67
CA ARG A 47 8.83 0.48 11.88
C ARG A 47 8.38 -0.54 12.91
N ARG A 48 7.77 -1.61 12.44
CA ARG A 48 7.31 -2.67 13.31
C ARG A 48 8.47 -3.20 14.14
N ALA A 49 9.53 -3.57 13.45
CA ALA A 49 10.73 -4.07 14.09
C ALA A 49 11.31 -3.05 15.06
N ASP A 50 11.17 -1.79 14.70
CA ASP A 50 11.67 -0.69 15.52
C ASP A 50 10.89 -0.59 16.83
N ALA A 51 11.28 -1.41 17.81
CA ALA A 51 10.62 -1.41 19.10
C ALA A 51 11.43 -2.19 20.14
N PRO A 52 11.60 -1.63 21.35
CA PRO A 52 12.36 -2.28 22.43
C PRO A 52 11.70 -3.58 22.90
N SER A 53 12.52 -4.59 23.11
CA SER A 53 12.02 -5.89 23.56
C SER A 53 11.30 -5.76 24.90
N THR A 54 10.19 -6.48 25.03
CA THR A 54 9.38 -6.45 26.25
C THR A 54 10.22 -6.80 27.47
N SER A 55 10.03 -6.05 28.55
CA SER A 55 10.75 -6.28 29.79
C SER A 55 10.45 -7.66 30.36
N ALA A 56 11.48 -8.34 30.86
CA ALA A 56 11.33 -9.67 31.43
C ALA A 56 12.59 -10.11 32.15
N ILE A 57 13.74 -9.90 31.50
CA ILE A 57 15.03 -10.27 32.07
C ILE A 57 16.17 -9.82 31.16
N SER A 58 17.20 -9.24 31.78
CA SER A 58 18.36 -8.76 31.03
C SER A 58 19.12 -9.92 30.39
N GLU A 59 19.47 -10.92 31.19
CA GLU A 59 20.21 -12.08 30.69
C GLU A 59 19.32 -12.93 29.79
N ASP A 60 19.89 -13.37 28.67
CA ASP A 60 19.16 -14.20 27.72
C ASP A 60 20.10 -14.73 26.63
N GLY B 1 -18.09 5.28 3.50
CA GLY B 1 -18.90 5.07 2.27
C GLY B 1 -18.83 6.24 1.31
N SER B 2 -19.98 6.64 0.79
CA SER B 2 -20.05 7.76 -0.15
C SER B 2 -19.14 7.51 -1.35
N ALA B 3 -19.22 6.32 -1.90
CA ALA B 3 -18.41 5.94 -3.07
C ALA B 3 -16.93 6.10 -2.77
N ALA B 4 -16.18 6.64 -3.72
CA ALA B 4 -14.75 6.85 -3.55
C ALA B 4 -14.17 7.64 -4.72
N SER B 5 -12.98 7.24 -5.19
CA SER B 5 -12.32 7.91 -6.30
C SER B 5 -11.08 7.13 -6.75
N PRO B 6 -11.25 5.84 -7.12
CA PRO B 6 -10.15 4.99 -7.57
C PRO B 6 -9.41 5.59 -8.77
N ALA B 7 -8.15 5.23 -8.91
CA ALA B 7 -7.31 5.72 -10.01
C ALA B 7 -7.10 7.22 -9.89
N VAL B 8 -7.01 7.69 -8.64
CA VAL B 8 -6.79 9.11 -8.38
C VAL B 8 -5.30 9.43 -8.53
N ASP B 9 -4.75 9.04 -9.69
CA ASP B 9 -3.33 9.23 -9.99
C ASP B 9 -2.53 8.09 -9.37
N ILE B 10 -3.18 7.31 -8.49
CA ILE B 10 -2.57 6.17 -7.80
C ILE B 10 -1.56 6.63 -6.76
N GLY B 11 -0.80 7.68 -7.10
CA GLY B 11 0.17 8.20 -6.16
C GLY B 11 -0.51 8.84 -4.97
N ASP B 12 -1.68 9.43 -5.21
CA ASP B 12 -2.45 10.07 -4.15
C ASP B 12 -2.90 9.02 -3.13
N ARG B 13 -3.39 7.89 -3.63
CA ARG B 13 -3.85 6.81 -2.78
C ARG B 13 -2.70 6.33 -1.90
N LEU B 14 -1.55 6.11 -2.54
CA LEU B 14 -0.35 5.66 -1.86
C LEU B 14 0.14 6.69 -0.85
N ASP B 15 0.14 7.95 -1.26
CA ASP B 15 0.59 9.04 -0.40
C ASP B 15 -0.23 9.07 0.88
N GLU B 16 -1.55 8.99 0.73
CA GLU B 16 -2.45 9.00 1.88
C GLU B 16 -2.19 7.78 2.76
N LEU B 17 -1.95 6.63 2.13
CA LEU B 17 -1.69 5.40 2.87
C LEU B 17 -0.40 5.53 3.68
N GLU B 18 0.62 6.11 3.05
CA GLU B 18 1.91 6.30 3.72
C GLU B 18 1.78 7.26 4.89
N LYS B 19 1.27 8.45 4.60
CA LYS B 19 1.07 9.47 5.63
C LYS B 19 0.25 8.90 6.76
N ALA B 20 -0.69 8.02 6.40
CA ALA B 20 -1.55 7.38 7.37
C ALA B 20 -0.76 6.42 8.26
N LEU B 21 0.06 5.57 7.64
CA LEU B 21 0.85 4.62 8.42
C LEU B 21 1.73 5.36 9.40
N GLU B 22 2.27 6.50 8.97
CA GLU B 22 3.13 7.30 9.83
C GLU B 22 2.49 7.44 11.21
N ALA B 23 1.16 7.51 11.21
CA ALA B 23 0.40 7.62 12.44
C ALA B 23 0.34 6.27 13.16
N LEU B 24 0.06 5.20 12.40
CA LEU B 24 -0.02 3.86 12.96
C LEU B 24 1.34 3.17 12.93
N SER B 25 2.40 3.94 12.65
CA SER B 25 3.74 3.38 12.55
C SER B 25 4.08 2.49 13.74
N ALA B 26 3.62 1.24 13.66
CA ALA B 26 3.86 0.26 14.71
C ALA B 26 3.47 0.81 16.08
N GLU B 27 2.34 1.51 16.13
CA GLU B 27 1.85 2.10 17.37
C GLU B 27 1.41 1.04 18.37
N ASP B 28 0.76 -0.01 17.87
CA ASP B 28 0.27 -1.08 18.74
C ASP B 28 0.08 -2.38 17.95
N GLY B 29 1.17 -2.88 17.37
CA GLY B 29 1.10 -4.10 16.60
C GLY B 29 0.12 -4.00 15.44
N HIS B 30 0.27 -2.93 14.66
CA HIS B 30 -0.59 -2.70 13.51
C HIS B 30 -0.26 -3.63 12.35
N ASP B 31 0.03 -4.89 12.67
CA ASP B 31 0.36 -5.88 11.66
C ASP B 31 -0.72 -5.90 10.57
N ASP B 32 -1.95 -5.57 10.97
CA ASP B 32 -3.07 -5.54 10.04
C ASP B 32 -2.74 -4.65 8.84
N VAL B 33 -2.09 -3.52 9.11
CA VAL B 33 -1.72 -2.60 8.05
C VAL B 33 -0.71 -3.28 7.12
N GLY B 34 0.12 -4.12 7.71
CA GLY B 34 1.13 -4.83 6.94
C GLY B 34 0.53 -5.88 6.02
N GLN B 35 -0.44 -6.65 6.52
CA GLN B 35 -1.07 -7.68 5.71
C GLN B 35 -1.82 -7.05 4.54
N ARG B 36 -2.46 -5.92 4.79
CA ARG B 36 -3.20 -5.21 3.75
C ARG B 36 -2.23 -4.59 2.75
N LEU B 37 -1.24 -3.88 3.27
CA LEU B 37 -0.23 -3.22 2.46
C LEU B 37 0.53 -4.25 1.62
N GLU B 38 0.75 -5.42 2.21
CA GLU B 38 1.45 -6.49 1.54
C GLU B 38 0.55 -7.15 0.49
N SER B 39 -0.69 -7.40 0.88
CA SER B 39 -1.67 -8.01 -0.01
C SER B 39 -1.85 -7.16 -1.26
N LEU B 40 -1.86 -5.85 -1.06
CA LEU B 40 -2.00 -4.91 -2.15
C LEU B 40 -0.95 -5.15 -3.22
N LEU B 41 0.29 -5.38 -2.78
CA LEU B 41 1.40 -5.63 -3.69
C LEU B 41 1.36 -7.04 -4.27
N ARG B 42 1.12 -8.02 -3.41
CA ARG B 42 1.05 -9.41 -3.88
C ARG B 42 0.08 -9.50 -5.05
N ARG B 43 -0.98 -8.71 -4.97
CA ARG B 43 -2.00 -8.66 -6.02
C ARG B 43 -1.57 -7.68 -7.12
N TRP B 44 -1.00 -6.56 -6.69
CA TRP B 44 -0.54 -5.52 -7.62
C TRP B 44 0.48 -6.08 -8.61
N ASN B 45 1.58 -6.62 -8.07
CA ASN B 45 2.64 -7.19 -8.90
C ASN B 45 2.12 -8.37 -9.72
N SER B 46 1.30 -9.20 -9.11
CA SER B 46 0.73 -10.37 -9.79
C SER B 46 0.01 -9.93 -11.06
N ARG B 47 -0.78 -8.88 -10.96
CA ARG B 47 -1.52 -8.35 -12.11
C ARG B 47 -0.55 -7.90 -13.21
N ARG B 48 0.57 -7.31 -12.80
CA ARG B 48 1.57 -6.85 -13.75
C ARG B 48 2.03 -8.00 -14.64
N ALA B 49 2.36 -9.12 -14.00
CA ALA B 49 2.81 -10.30 -14.73
C ALA B 49 1.71 -10.82 -15.64
N ASP B 50 0.48 -10.77 -15.15
CA ASP B 50 -0.67 -11.23 -15.92
C ASP B 50 -0.86 -10.39 -17.18
N ALA B 51 -0.17 -10.78 -18.25
CA ALA B 51 -0.25 -10.07 -19.53
C ALA B 51 0.42 -10.86 -20.64
N PRO B 52 -0.24 -10.97 -21.82
CA PRO B 52 0.31 -11.70 -22.96
C PRO B 52 1.59 -11.09 -23.50
N SER B 53 2.55 -11.93 -23.84
CA SER B 53 3.84 -11.47 -24.36
C SER B 53 3.63 -10.66 -25.63
N THR B 54 4.39 -9.58 -25.77
CA THR B 54 4.30 -8.72 -26.95
C THR B 54 4.54 -9.51 -28.22
N SER B 55 3.71 -9.28 -29.23
CA SER B 55 3.83 -9.96 -30.51
C SER B 55 5.18 -9.68 -31.17
N ALA B 56 5.78 -10.72 -31.73
CA ALA B 56 7.08 -10.59 -32.39
C ALA B 56 7.44 -11.85 -33.16
N ILE B 57 7.25 -13.00 -32.51
CA ILE B 57 7.54 -14.29 -33.14
C ILE B 57 7.13 -15.45 -32.24
N SER B 58 6.49 -16.45 -32.82
CA SER B 58 6.04 -17.62 -32.06
C SER B 58 7.22 -18.42 -31.53
N GLU B 59 8.14 -18.78 -32.42
CA GLU B 59 9.32 -19.54 -32.03
C GLU B 59 10.26 -18.71 -31.17
N ASP B 60 10.76 -19.31 -30.09
CA ASP B 60 11.68 -18.62 -29.18
C ASP B 60 12.19 -19.57 -28.12
N GLY A 1 -6.52 22.02 6.02
CA GLY A 1 -5.65 22.64 7.06
C GLY A 1 -4.98 21.61 7.95
N SER A 2 -5.77 20.61 8.37
CA SER A 2 -5.25 19.55 9.23
C SER A 2 -6.28 18.44 9.40
N ALA A 3 -6.86 18.02 8.28
CA ALA A 3 -7.87 16.95 8.30
C ALA A 3 -7.27 15.65 8.81
N ALA A 4 -8.00 15.00 9.72
CA ALA A 4 -7.56 13.73 10.30
C ALA A 4 -7.82 12.57 9.36
N SER A 5 -7.45 12.72 8.09
CA SER A 5 -7.65 11.67 7.10
C SER A 5 -6.87 10.41 7.45
N PRO A 6 -5.56 10.51 7.75
CA PRO A 6 -4.74 9.35 8.10
C PRO A 6 -5.30 8.57 9.28
N ALA A 7 -4.95 7.28 9.32
CA ALA A 7 -5.41 6.41 10.38
C ALA A 7 -6.93 6.31 10.39
N VAL A 8 -7.48 6.33 9.19
CA VAL A 8 -8.92 6.20 9.01
C VAL A 8 -9.26 4.73 9.05
N ASP A 9 -8.81 4.10 10.12
CA ASP A 9 -8.97 2.67 10.32
C ASP A 9 -7.92 1.98 9.47
N ILE A 10 -7.13 2.84 8.84
CA ILE A 10 -6.01 2.47 7.98
C ILE A 10 -6.36 1.55 6.81
N GLY A 11 -7.13 0.49 7.05
CA GLY A 11 -7.51 -0.39 5.97
C GLY A 11 -8.37 0.35 5.00
N ASP A 12 -8.82 1.51 5.43
CA ASP A 12 -9.63 2.36 4.60
C ASP A 12 -8.73 3.01 3.57
N ARG A 13 -7.55 3.36 4.04
CA ARG A 13 -6.52 3.96 3.24
C ARG A 13 -6.12 3.00 2.14
N LEU A 14 -5.83 1.80 2.61
CA LEU A 14 -5.44 0.66 1.84
C LEU A 14 -6.50 0.21 0.85
N ASP A 15 -7.69 0.01 1.36
CA ASP A 15 -8.81 -0.43 0.55
C ASP A 15 -8.93 0.44 -0.68
N GLU A 16 -8.93 1.74 -0.45
CA GLU A 16 -9.03 2.71 -1.52
C GLU A 16 -7.85 2.61 -2.47
N LEU A 17 -6.73 2.15 -1.93
CA LEU A 17 -5.51 2.00 -2.70
C LEU A 17 -5.63 0.89 -3.71
N GLU A 18 -6.11 -0.24 -3.24
CA GLU A 18 -6.30 -1.40 -4.08
C GLU A 18 -7.34 -1.12 -5.11
N LYS A 19 -8.40 -0.48 -4.67
CA LYS A 19 -9.47 -0.12 -5.55
C LYS A 19 -8.93 0.76 -6.66
N ALA A 20 -7.99 1.63 -6.27
CA ALA A 20 -7.35 2.52 -7.21
C ALA A 20 -6.50 1.75 -8.17
N LEU A 21 -5.68 0.92 -7.57
CA LEU A 21 -4.76 0.09 -8.29
C LEU A 21 -5.49 -0.78 -9.28
N GLU A 22 -6.58 -1.35 -8.82
CA GLU A 22 -7.40 -2.17 -9.67
C GLU A 22 -7.65 -1.47 -10.96
N ALA A 23 -7.70 -0.16 -10.88
CA ALA A 23 -7.90 0.67 -12.04
C ALA A 23 -6.63 0.70 -12.86
N LEU A 24 -5.51 0.93 -12.16
CA LEU A 24 -4.20 0.98 -12.80
C LEU A 24 -3.57 -0.39 -12.96
N SER A 25 -4.37 -1.42 -12.77
CA SER A 25 -3.90 -2.81 -12.87
C SER A 25 -3.04 -3.03 -14.11
N ALA A 26 -1.76 -2.74 -13.99
CA ALA A 26 -0.82 -2.91 -15.10
C ALA A 26 -1.32 -2.22 -16.35
N GLU A 27 -2.04 -1.15 -16.14
CA GLU A 27 -2.64 -0.37 -17.20
C GLU A 27 -1.62 0.22 -18.16
N ASP A 28 -0.48 0.64 -17.64
CA ASP A 28 0.55 1.24 -18.48
C ASP A 28 1.90 1.23 -17.80
N GLY A 29 2.26 0.07 -17.32
CA GLY A 29 3.53 -0.08 -16.64
C GLY A 29 3.62 0.82 -15.44
N HIS A 30 2.60 0.77 -14.60
CA HIS A 30 2.55 1.60 -13.41
C HIS A 30 3.49 1.07 -12.33
N ASP A 31 4.70 0.70 -12.75
CA ASP A 31 5.71 0.20 -11.82
C ASP A 31 5.96 1.21 -10.72
N ASP A 32 5.59 2.46 -10.98
CA ASP A 32 5.75 3.53 -10.01
C ASP A 32 4.90 3.27 -8.80
N VAL A 33 3.76 2.66 -9.06
CA VAL A 33 2.83 2.31 -8.02
C VAL A 33 3.44 1.33 -7.04
N GLY A 34 4.04 0.28 -7.59
CA GLY A 34 4.66 -0.73 -6.76
C GLY A 34 5.78 -0.15 -5.92
N GLN A 35 6.48 0.81 -6.49
CA GLN A 35 7.58 1.46 -5.80
C GLN A 35 7.05 2.17 -4.56
N ARG A 36 5.88 2.77 -4.72
CA ARG A 36 5.23 3.45 -3.64
C ARG A 36 4.72 2.43 -2.65
N LEU A 37 4.09 1.40 -3.22
CA LEU A 37 3.53 0.31 -2.49
C LEU A 37 4.57 -0.39 -1.64
N GLU A 38 5.73 -0.64 -2.24
CA GLU A 38 6.80 -1.32 -1.56
C GLU A 38 7.35 -0.43 -0.48
N SER A 39 7.63 0.79 -0.87
CA SER A 39 8.13 1.80 0.05
C SER A 39 7.25 1.84 1.27
N LEU A 40 5.94 1.81 1.02
CA LEU A 40 4.96 1.81 2.07
C LEU A 40 5.29 0.78 3.12
N LEU A 41 5.48 -0.45 2.67
CA LEU A 41 5.79 -1.54 3.56
C LEU A 41 7.21 -1.51 4.08
N ARG A 42 8.17 -1.47 3.18
CA ARG A 42 9.56 -1.46 3.59
C ARG A 42 9.73 -0.45 4.71
N ARG A 43 8.87 0.56 4.68
CA ARG A 43 8.87 1.57 5.72
C ARG A 43 7.96 1.13 6.86
N TRP A 44 6.87 0.46 6.49
CA TRP A 44 5.92 -0.05 7.45
C TRP A 44 6.53 -1.19 8.26
N ASN A 45 6.95 -2.24 7.56
CA ASN A 45 7.56 -3.40 8.20
C ASN A 45 8.77 -3.02 9.02
N SER A 46 9.51 -2.04 8.55
CA SER A 46 10.70 -1.57 9.24
C SER A 46 10.36 -0.98 10.60
N ARG A 47 9.35 -0.12 10.63
CA ARG A 47 8.92 0.51 11.87
C ARG A 47 8.49 -0.53 12.88
N ARG A 48 7.89 -1.60 12.38
CA ARG A 48 7.44 -2.70 13.23
C ARG A 48 8.61 -3.21 14.05
N ALA A 49 9.68 -3.53 13.35
CA ALA A 49 10.91 -4.02 13.98
C ALA A 49 11.42 -3.05 15.02
N ASP A 50 11.22 -1.77 14.76
CA ASP A 50 11.65 -0.71 15.66
C ASP A 50 10.69 -0.56 16.84
N ALA A 51 10.31 -1.68 17.45
CA ALA A 51 9.40 -1.67 18.58
C ALA A 51 9.28 -3.05 19.22
N PRO A 52 9.38 -3.13 20.55
CA PRO A 52 9.28 -4.41 21.29
C PRO A 52 7.84 -4.91 21.40
N SER A 53 7.09 -4.83 20.31
CA SER A 53 5.70 -5.28 20.29
C SER A 53 4.88 -4.53 21.35
N THR A 54 5.01 -3.21 21.36
CA THR A 54 4.29 -2.38 22.32
C THR A 54 2.78 -2.61 22.21
N SER A 55 2.12 -2.70 23.36
CA SER A 55 0.68 -2.92 23.41
C SER A 55 0.15 -2.77 24.83
N ALA A 56 -0.98 -2.09 24.98
CA ALA A 56 -1.59 -1.88 26.29
C ALA A 56 -0.64 -1.13 27.21
N ILE A 57 0.00 -0.10 26.68
CA ILE A 57 0.95 0.71 27.44
C ILE A 57 0.25 1.39 28.62
N SER A 58 0.89 1.31 29.79
CA SER A 58 0.34 1.91 31.00
C SER A 58 1.36 1.86 32.14
N GLU A 59 2.60 2.23 31.82
CA GLU A 59 3.67 2.23 32.81
C GLU A 59 3.37 3.20 33.95
N ASP A 60 3.60 2.77 35.18
CA ASP A 60 3.35 3.60 36.35
C ASP A 60 3.86 2.92 37.62
N GLY B 1 -22.13 7.39 -4.42
CA GLY B 1 -22.84 6.52 -5.40
C GLY B 1 -21.89 5.86 -6.38
N SER B 2 -20.98 6.66 -6.94
CA SER B 2 -20.00 6.16 -7.90
C SER B 2 -18.85 7.15 -8.06
N ALA B 3 -18.36 7.67 -6.94
CA ALA B 3 -17.26 8.62 -6.96
C ALA B 3 -16.02 8.03 -7.61
N ALA B 4 -15.40 8.78 -8.51
CA ALA B 4 -14.21 8.33 -9.21
C ALA B 4 -12.96 8.47 -8.32
N SER B 5 -13.09 8.08 -7.05
CA SER B 5 -11.99 8.16 -6.12
C SER B 5 -10.81 7.31 -6.58
N PRO B 6 -11.05 6.04 -6.96
CA PRO B 6 -9.98 5.14 -7.43
C PRO B 6 -9.29 5.70 -8.67
N ALA B 7 -8.03 5.30 -8.87
CA ALA B 7 -7.25 5.76 -10.00
C ALA B 7 -7.01 7.26 -9.93
N VAL B 8 -6.89 7.76 -8.70
CA VAL B 8 -6.65 9.17 -8.46
C VAL B 8 -5.16 9.47 -8.66
N ASP B 9 -4.66 9.08 -9.83
CA ASP B 9 -3.25 9.25 -10.16
C ASP B 9 -2.43 8.15 -9.51
N ILE B 10 -3.11 7.36 -8.65
CA ILE B 10 -2.51 6.25 -7.92
C ILE B 10 -1.51 6.74 -6.86
N GLY B 11 -0.64 7.67 -7.23
CA GLY B 11 0.31 8.21 -6.29
C GLY B 11 -0.38 8.84 -5.10
N ASP B 12 -1.52 9.46 -5.36
CA ASP B 12 -2.30 10.11 -4.31
C ASP B 12 -2.75 9.07 -3.28
N ARG B 13 -3.19 7.91 -3.77
CA ARG B 13 -3.63 6.82 -2.91
C ARG B 13 -2.47 6.37 -2.03
N LEU B 14 -1.33 6.14 -2.68
CA LEU B 14 -0.11 5.70 -1.99
C LEU B 14 0.33 6.71 -0.93
N ASP B 15 0.30 7.98 -1.31
CA ASP B 15 0.71 9.06 -0.41
C ASP B 15 -0.13 9.08 0.86
N GLU B 16 -1.45 9.03 0.70
CA GLU B 16 -2.36 9.04 1.85
C GLU B 16 -2.12 7.82 2.73
N LEU B 17 -1.95 6.66 2.11
CA LEU B 17 -1.72 5.43 2.85
C LEU B 17 -0.43 5.53 3.67
N GLU B 18 0.61 6.10 3.06
CA GLU B 18 1.90 6.24 3.73
C GLU B 18 1.78 7.17 4.93
N LYS B 19 1.32 8.40 4.68
CA LYS B 19 1.16 9.37 5.74
C LYS B 19 0.27 8.80 6.83
N ALA B 20 -0.67 7.96 6.42
CA ALA B 20 -1.59 7.32 7.34
C ALA B 20 -0.84 6.34 8.25
N LEU B 21 0.00 5.50 7.65
CA LEU B 21 0.77 4.53 8.42
C LEU B 21 1.64 5.25 9.43
N GLU B 22 2.21 6.38 9.02
CA GLU B 22 3.06 7.16 9.90
C GLU B 22 2.41 7.29 11.27
N ALA B 23 1.08 7.39 11.26
CA ALA B 23 0.31 7.48 12.49
C ALA B 23 0.26 6.12 13.20
N LEU B 24 -0.05 5.08 12.43
CA LEU B 24 -0.13 3.72 12.98
C LEU B 24 1.23 3.06 12.97
N SER B 25 2.27 3.84 12.71
CA SER B 25 3.64 3.33 12.62
C SER B 25 3.99 2.43 13.81
N ALA B 26 3.54 1.18 13.72
CA ALA B 26 3.78 0.19 14.75
C ALA B 26 3.49 0.73 16.15
N GLU B 27 2.42 1.51 16.27
CA GLU B 27 2.05 2.09 17.55
C GLU B 27 1.44 1.05 18.49
N ASP B 28 0.78 0.04 17.93
CA ASP B 28 0.15 -0.98 18.74
C ASP B 28 0.02 -2.30 17.96
N GLY B 29 1.14 -2.78 17.44
CA GLY B 29 1.11 -4.02 16.68
C GLY B 29 0.15 -3.98 15.52
N HIS B 30 0.27 -2.93 14.71
CA HIS B 30 -0.60 -2.74 13.56
C HIS B 30 -0.23 -3.67 12.41
N ASP B 31 0.11 -4.92 12.75
CA ASP B 31 0.48 -5.91 11.74
C ASP B 31 -0.58 -5.98 10.65
N ASP B 32 -1.83 -5.70 11.02
CA ASP B 32 -2.94 -5.71 10.08
C ASP B 32 -2.65 -4.80 8.89
N VAL B 33 -2.10 -3.63 9.16
CA VAL B 33 -1.77 -2.68 8.11
C VAL B 33 -0.78 -3.31 7.13
N GLY B 34 0.17 -4.06 7.67
CA GLY B 34 1.16 -4.72 6.85
C GLY B 34 0.56 -5.83 6.01
N GLN B 35 -0.40 -6.54 6.58
CA GLN B 35 -1.07 -7.63 5.89
C GLN B 35 -1.79 -7.11 4.65
N ARG B 36 -2.52 -6.02 4.81
CA ARG B 36 -3.25 -5.41 3.70
C ARG B 36 -2.28 -4.73 2.74
N LEU B 37 -1.35 -3.97 3.30
CA LEU B 37 -0.35 -3.26 2.49
C LEU B 37 0.43 -4.25 1.65
N GLU B 38 0.71 -5.41 2.23
CA GLU B 38 1.43 -6.46 1.53
C GLU B 38 0.54 -7.08 0.47
N SER B 39 -0.72 -7.29 0.84
CA SER B 39 -1.70 -7.86 -0.08
C SER B 39 -1.84 -6.99 -1.31
N LEU B 40 -1.75 -5.68 -1.10
CA LEU B 40 -1.84 -4.73 -2.19
C LEU B 40 -0.83 -5.05 -3.28
N LEU B 41 0.41 -5.29 -2.87
CA LEU B 41 1.48 -5.61 -3.80
C LEU B 41 1.38 -7.04 -4.31
N ARG B 42 1.06 -7.98 -3.43
CA ARG B 42 0.93 -9.37 -3.84
C ARG B 42 -0.03 -9.46 -5.01
N ARG B 43 -1.06 -8.63 -4.96
CA ARG B 43 -2.06 -8.57 -6.03
C ARG B 43 -1.61 -7.60 -7.13
N TRP B 44 -1.01 -6.49 -6.71
CA TRP B 44 -0.52 -5.48 -7.64
C TRP B 44 0.49 -6.06 -8.62
N ASN B 45 1.56 -6.62 -8.07
CA ASN B 45 2.63 -7.23 -8.87
C ASN B 45 2.09 -8.41 -9.67
N SER B 46 1.24 -9.22 -9.03
CA SER B 46 0.67 -10.39 -9.70
C SER B 46 0.01 -9.99 -11.01
N ARG B 47 -0.78 -8.93 -10.98
CA ARG B 47 -1.46 -8.44 -12.17
C ARG B 47 -0.45 -8.01 -13.23
N ARG B 48 0.66 -7.44 -12.78
CA ARG B 48 1.71 -7.01 -13.70
C ARG B 48 2.17 -8.16 -14.57
N ALA B 49 2.43 -9.30 -13.94
CA ALA B 49 2.87 -10.50 -14.64
C ALA B 49 1.81 -10.96 -15.64
N ASP B 50 0.55 -10.79 -15.28
CA ASP B 50 -0.57 -11.18 -16.13
C ASP B 50 -0.78 -10.16 -17.25
N ALA B 51 0.30 -9.77 -17.90
CA ALA B 51 0.24 -8.81 -19.00
C ALA B 51 1.58 -8.69 -19.71
N PRO B 52 1.57 -8.74 -21.06
CA PRO B 52 2.79 -8.65 -21.86
C PRO B 52 3.32 -7.23 -21.97
N SER B 53 3.34 -6.51 -20.85
CA SER B 53 3.82 -5.13 -20.82
C SER B 53 3.02 -4.26 -21.79
N THR B 54 1.69 -4.37 -21.74
CA THR B 54 0.82 -3.60 -22.61
C THR B 54 1.08 -2.10 -22.46
N SER B 55 1.11 -1.40 -23.60
CA SER B 55 1.35 0.04 -23.60
C SER B 55 1.15 0.62 -25.00
N ALA B 56 0.48 1.77 -25.06
CA ALA B 56 0.21 2.43 -26.33
C ALA B 56 -0.61 1.53 -27.26
N ILE B 57 -1.65 0.92 -26.72
CA ILE B 57 -2.51 0.04 -27.50
C ILE B 57 -3.15 0.79 -28.66
N SER B 58 -3.23 0.13 -29.82
CA SER B 58 -3.83 0.74 -31.00
C SER B 58 -3.91 -0.29 -32.14
N GLU B 59 -4.31 -1.50 -31.80
CA GLU B 59 -4.44 -2.57 -32.79
C GLU B 59 -5.50 -2.22 -33.84
N ASP B 60 -5.16 -2.44 -35.11
CA ASP B 60 -6.08 -2.15 -36.21
C ASP B 60 -5.50 -2.63 -37.54
N GLY A 1 -11.46 20.93 1.89
CA GLY A 1 -10.80 19.74 2.49
C GLY A 1 -11.30 19.46 3.90
N SER A 2 -11.59 18.18 4.18
CA SER A 2 -12.07 17.78 5.49
C SER A 2 -12.19 16.26 5.58
N ALA A 3 -12.75 15.66 4.55
CA ALA A 3 -12.93 14.21 4.51
C ALA A 3 -11.59 13.49 4.59
N ALA A 4 -10.61 13.99 3.82
CA ALA A 4 -9.28 13.39 3.81
C ALA A 4 -8.64 13.43 5.20
N SER A 5 -8.06 12.30 5.60
CA SER A 5 -7.42 12.19 6.91
C SER A 5 -6.74 10.84 7.06
N PRO A 6 -5.49 10.81 7.57
CA PRO A 6 -4.75 9.57 7.76
C PRO A 6 -5.29 8.75 8.92
N ALA A 7 -4.90 7.48 8.98
CA ALA A 7 -5.33 6.59 10.03
C ALA A 7 -6.85 6.46 10.04
N VAL A 8 -7.40 6.47 8.84
CA VAL A 8 -8.83 6.31 8.66
C VAL A 8 -9.17 4.85 8.76
N ASP A 9 -8.76 4.26 9.88
CA ASP A 9 -8.91 2.85 10.12
C ASP A 9 -7.87 2.13 9.29
N ILE A 10 -7.03 2.97 8.67
CA ILE A 10 -5.90 2.58 7.85
C ILE A 10 -6.26 1.66 6.68
N GLY A 11 -6.98 0.57 6.93
CA GLY A 11 -7.35 -0.33 5.86
C GLY A 11 -8.24 0.35 4.87
N ASP A 12 -8.71 1.52 5.25
CA ASP A 12 -9.56 2.27 4.37
C ASP A 12 -8.73 2.84 3.24
N ARG A 13 -7.54 3.25 3.60
CA ARG A 13 -6.59 3.80 2.67
C ARG A 13 -6.16 2.71 1.70
N LEU A 14 -5.79 1.61 2.31
CA LEU A 14 -5.36 0.40 1.66
C LEU A 14 -6.41 -0.15 0.71
N ASP A 15 -7.60 -0.31 1.24
CA ASP A 15 -8.72 -0.84 0.47
C ASP A 15 -8.90 -0.03 -0.79
N GLU A 16 -8.99 1.28 -0.62
CA GLU A 16 -9.15 2.20 -1.72
C GLU A 16 -7.94 2.19 -2.64
N LEU A 17 -6.80 1.83 -2.06
CA LEU A 17 -5.54 1.77 -2.78
C LEU A 17 -5.58 0.64 -3.79
N GLU A 18 -6.06 -0.50 -3.35
CA GLU A 18 -6.17 -1.68 -4.18
C GLU A 18 -7.21 -1.43 -5.24
N LYS A 19 -8.30 -0.84 -4.82
CA LYS A 19 -9.37 -0.52 -5.72
C LYS A 19 -8.88 0.43 -6.78
N ALA A 20 -8.04 1.37 -6.34
CA ALA A 20 -7.45 2.33 -7.25
C ALA A 20 -6.58 1.61 -8.23
N LEU A 21 -5.75 0.78 -7.66
CA LEU A 21 -4.83 -0.02 -8.40
C LEU A 21 -5.52 -0.84 -9.44
N GLU A 22 -6.63 -1.43 -9.03
CA GLU A 22 -7.43 -2.23 -9.94
C GLU A 22 -7.60 -1.48 -11.24
N ALA A 23 -7.66 -0.17 -11.12
CA ALA A 23 -7.79 0.69 -12.26
C ALA A 23 -6.45 0.78 -12.97
N LEU A 24 -5.40 1.01 -12.18
CA LEU A 24 -4.04 1.11 -12.70
C LEU A 24 -3.46 -0.27 -13.00
N SER A 25 -4.33 -1.27 -12.99
CA SER A 25 -3.93 -2.66 -13.22
C SER A 25 -2.99 -2.82 -14.41
N ALA A 26 -1.71 -2.58 -14.18
CA ALA A 26 -0.69 -2.70 -15.22
C ALA A 26 -1.14 -2.07 -16.52
N GLU A 27 -1.99 -1.07 -16.39
CA GLU A 27 -2.56 -0.36 -17.52
C GLU A 27 -1.50 0.34 -18.37
N ASP A 28 -0.46 0.85 -17.72
CA ASP A 28 0.57 1.56 -18.46
C ASP A 28 1.89 1.58 -17.73
N GLY A 29 2.30 0.40 -17.32
CA GLY A 29 3.55 0.25 -16.61
C GLY A 29 3.60 1.12 -15.38
N HIS A 30 2.58 1.00 -14.54
CA HIS A 30 2.51 1.78 -13.32
C HIS A 30 3.43 1.20 -12.26
N ASP A 31 4.66 0.89 -12.66
CA ASP A 31 5.67 0.35 -11.76
C ASP A 31 5.89 1.29 -10.58
N ASP A 32 5.52 2.56 -10.76
CA ASP A 32 5.66 3.57 -9.72
C ASP A 32 4.77 3.21 -8.56
N VAL A 33 3.66 2.61 -8.88
CA VAL A 33 2.71 2.21 -7.89
C VAL A 33 3.31 1.18 -6.95
N GLY A 34 3.93 0.15 -7.52
CA GLY A 34 4.55 -0.86 -6.71
C GLY A 34 5.73 -0.29 -5.96
N GLN A 35 6.33 0.73 -6.55
CA GLN A 35 7.46 1.40 -5.94
C GLN A 35 7.00 2.16 -4.71
N ARG A 36 5.81 2.72 -4.79
CA ARG A 36 5.21 3.43 -3.70
C ARG A 36 4.70 2.40 -2.69
N LEU A 37 4.05 1.39 -3.24
CA LEU A 37 3.50 0.30 -2.49
C LEU A 37 4.55 -0.36 -1.62
N GLU A 38 5.69 -0.63 -2.22
CA GLU A 38 6.78 -1.27 -1.52
C GLU A 38 7.29 -0.34 -0.45
N SER A 39 7.58 0.87 -0.87
CA SER A 39 8.07 1.91 0.02
C SER A 39 7.19 1.94 1.26
N LEU A 40 5.89 1.90 1.05
CA LEU A 40 4.94 1.90 2.12
C LEU A 40 5.30 0.85 3.16
N LEU A 41 5.45 -0.38 2.70
CA LEU A 41 5.77 -1.48 3.59
C LEU A 41 7.19 -1.46 4.08
N ARG A 42 8.14 -1.42 3.17
CA ARG A 42 9.54 -1.42 3.57
C ARG A 42 9.72 -0.42 4.69
N ARG A 43 8.89 0.60 4.68
CA ARG A 43 8.91 1.61 5.72
C ARG A 43 8.03 1.16 6.87
N TRP A 44 6.92 0.50 6.52
CA TRP A 44 5.98 -0.02 7.49
C TRP A 44 6.60 -1.17 8.29
N ASN A 45 6.99 -2.22 7.58
CA ASN A 45 7.59 -3.39 8.20
C ASN A 45 8.80 -3.01 9.05
N SER A 46 9.52 -2.00 8.60
CA SER A 46 10.71 -1.53 9.31
C SER A 46 10.34 -0.93 10.66
N ARG A 47 9.32 -0.08 10.67
CA ARG A 47 8.86 0.55 11.89
C ARG A 47 8.46 -0.49 12.91
N ARG A 48 7.89 -1.59 12.44
CA ARG A 48 7.48 -2.67 13.32
C ARG A 48 8.66 -3.14 14.14
N ALA A 49 9.75 -3.44 13.44
CA ALA A 49 10.98 -3.89 14.07
C ALA A 49 11.48 -2.87 15.08
N ASP A 50 11.27 -1.60 14.76
CA ASP A 50 11.69 -0.51 15.62
C ASP A 50 10.70 -0.30 16.77
N ALA A 51 10.33 -1.38 17.44
CA ALA A 51 9.38 -1.31 18.55
C ALA A 51 9.88 -0.38 19.63
N PRO A 52 8.99 0.50 20.13
CA PRO A 52 9.31 1.47 21.19
C PRO A 52 9.83 0.79 22.45
N SER A 53 10.91 1.33 23.00
CA SER A 53 11.52 0.79 24.22
C SER A 53 11.88 -0.68 24.02
N THR A 54 11.57 -1.51 25.01
CA THR A 54 11.87 -2.94 24.94
C THR A 54 11.06 -3.72 25.97
N SER A 55 11.03 -3.21 27.20
CA SER A 55 10.31 -3.86 28.28
C SER A 55 10.30 -3.00 29.53
N ALA A 56 10.08 -1.70 29.36
CA ALA A 56 10.06 -0.76 30.47
C ALA A 56 8.73 -0.82 31.22
N ILE A 57 8.25 -2.03 31.48
CA ILE A 57 6.99 -2.22 32.19
C ILE A 57 7.05 -1.61 33.59
N SER A 58 8.14 -1.88 34.30
CA SER A 58 8.32 -1.36 35.65
C SER A 58 7.17 -1.78 36.56
N GLU A 59 6.70 -0.86 37.40
CA GLU A 59 5.60 -1.14 38.31
C GLU A 59 4.33 -1.50 37.54
N ASP A 60 3.66 -2.55 37.99
CA ASP A 60 2.43 -3.00 37.35
C ASP A 60 1.36 -1.91 37.39
N GLY B 1 -20.65 12.04 -0.16
CA GLY B 1 -19.51 11.38 -0.86
C GLY B 1 -19.32 11.91 -2.27
N SER B 2 -18.07 12.19 -2.63
CA SER B 2 -17.75 12.70 -3.96
C SER B 2 -16.24 12.79 -4.16
N ALA B 3 -15.55 13.30 -3.15
CA ALA B 3 -14.09 13.45 -3.21
C ALA B 3 -13.42 12.10 -3.40
N ALA B 4 -13.84 11.10 -2.62
CA ALA B 4 -13.27 9.77 -2.71
C ALA B 4 -13.51 9.16 -4.09
N SER B 5 -12.46 8.56 -4.65
CA SER B 5 -12.56 7.95 -5.97
C SER B 5 -11.28 7.18 -6.33
N PRO B 6 -11.42 5.93 -6.80
CA PRO B 6 -10.27 5.10 -7.18
C PRO B 6 -9.52 5.67 -8.39
N ALA B 7 -8.29 5.21 -8.56
CA ALA B 7 -7.46 5.67 -9.67
C ALA B 7 -7.21 7.17 -9.58
N VAL B 8 -7.05 7.65 -8.35
CA VAL B 8 -6.79 9.07 -8.11
C VAL B 8 -5.31 9.36 -8.34
N ASP B 9 -4.85 8.99 -9.54
CA ASP B 9 -3.45 9.16 -9.93
C ASP B 9 -2.61 8.03 -9.32
N ILE B 10 -3.27 7.20 -8.50
CA ILE B 10 -2.65 6.05 -7.83
C ILE B 10 -1.62 6.48 -6.78
N GLY B 11 -0.81 7.48 -7.10
CA GLY B 11 0.19 7.97 -6.16
C GLY B 11 -0.43 8.66 -4.97
N ASP B 12 -1.58 9.30 -5.18
CA ASP B 12 -2.27 10.01 -4.12
C ASP B 12 -2.65 9.07 -2.98
N ARG B 13 -3.26 7.94 -3.32
CA ARG B 13 -3.66 6.97 -2.30
C ARG B 13 -2.43 6.43 -1.58
N LEU B 14 -1.39 6.14 -2.36
CA LEU B 14 -0.14 5.62 -1.83
C LEU B 14 0.50 6.60 -0.86
N ASP B 15 0.56 7.86 -1.25
CA ASP B 15 1.15 8.90 -0.41
C ASP B 15 0.36 9.06 0.89
N GLU B 16 -0.95 9.14 0.76
CA GLU B 16 -1.81 9.29 1.93
C GLU B 16 -1.74 8.06 2.82
N LEU B 17 -1.68 6.87 2.21
CA LEU B 17 -1.60 5.63 2.96
C LEU B 17 -0.32 5.62 3.79
N GLU B 18 0.77 6.13 3.19
CA GLU B 18 2.06 6.19 3.88
C GLU B 18 1.98 7.15 5.05
N LYS B 19 1.54 8.38 4.77
CA LYS B 19 1.40 9.39 5.79
C LYS B 19 0.55 8.85 6.93
N ALA B 20 -0.44 8.05 6.56
CA ALA B 20 -1.35 7.44 7.52
C ALA B 20 -0.60 6.46 8.42
N LEU B 21 0.18 5.57 7.82
CA LEU B 21 0.94 4.61 8.60
C LEU B 21 1.82 5.31 9.61
N GLU B 22 2.40 6.44 9.21
CA GLU B 22 3.26 7.21 10.10
C GLU B 22 2.60 7.36 11.46
N ALA B 23 1.27 7.51 11.44
CA ALA B 23 0.50 7.65 12.67
C ALA B 23 0.40 6.32 13.39
N LEU B 24 0.10 5.25 12.64
CA LEU B 24 -0.02 3.91 13.21
C LEU B 24 1.30 3.16 13.15
N SER B 25 2.38 3.88 12.88
CA SER B 25 3.70 3.28 12.76
C SER B 25 4.01 2.35 13.93
N ALA B 26 3.52 1.11 13.83
CA ALA B 26 3.73 0.12 14.87
C ALA B 26 3.39 0.66 16.25
N GLU B 27 2.31 1.44 16.31
CA GLU B 27 1.87 2.04 17.57
C GLU B 27 1.26 1.01 18.50
N ASP B 28 0.58 0.02 17.94
CA ASP B 28 -0.06 -1.01 18.75
C ASP B 28 -0.21 -2.33 17.97
N GLY B 29 0.91 -2.83 17.47
CA GLY B 29 0.88 -4.07 16.70
C GLY B 29 -0.05 -3.98 15.51
N HIS B 30 0.13 -2.94 14.71
CA HIS B 30 -0.69 -2.72 13.53
C HIS B 30 -0.31 -3.66 12.39
N ASP B 31 0.00 -4.92 12.73
CA ASP B 31 0.37 -5.92 11.74
C ASP B 31 -0.65 -5.94 10.61
N ASP B 32 -1.91 -5.66 10.95
CA ASP B 32 -2.98 -5.64 9.97
C ASP B 32 -2.63 -4.73 8.80
N VAL B 33 -2.06 -3.56 9.11
CA VAL B 33 -1.68 -2.62 8.07
C VAL B 33 -0.68 -3.26 7.12
N GLY B 34 0.22 -4.07 7.69
CA GLY B 34 1.21 -4.77 6.89
C GLY B 34 0.57 -5.82 6.02
N GLN B 35 -0.45 -6.48 6.56
CA GLN B 35 -1.17 -7.51 5.83
C GLN B 35 -1.91 -6.91 4.64
N ARG B 36 -2.56 -5.77 4.87
CA ARG B 36 -3.28 -5.07 3.81
C ARG B 36 -2.30 -4.52 2.78
N LEU B 37 -1.27 -3.85 3.28
CA LEU B 37 -0.25 -3.25 2.45
C LEU B 37 0.42 -4.30 1.58
N GLU B 38 0.77 -5.42 2.18
CA GLU B 38 1.41 -6.52 1.48
C GLU B 38 0.45 -7.15 0.48
N SER B 39 -0.81 -7.25 0.88
CA SER B 39 -1.84 -7.81 0.01
C SER B 39 -1.96 -6.97 -1.25
N LEU B 40 -1.81 -5.64 -1.10
CA LEU B 40 -1.89 -4.71 -2.21
C LEU B 40 -0.89 -5.09 -3.29
N LEU B 41 0.36 -5.29 -2.89
CA LEU B 41 1.43 -5.63 -3.81
C LEU B 41 1.33 -7.06 -4.31
N ARG B 42 1.02 -8.01 -3.42
CA ARG B 42 0.89 -9.40 -3.82
C ARG B 42 -0.05 -9.50 -5.01
N ARG B 43 -1.12 -8.71 -4.97
CA ARG B 43 -2.10 -8.69 -6.04
C ARG B 43 -1.63 -7.74 -7.15
N TRP B 44 -1.06 -6.61 -6.75
CA TRP B 44 -0.56 -5.60 -7.69
C TRP B 44 0.45 -6.19 -8.66
N ASN B 45 1.55 -6.71 -8.10
CA ASN B 45 2.61 -7.32 -8.90
C ASN B 45 2.07 -8.49 -9.71
N SER B 46 1.20 -9.28 -9.10
CA SER B 46 0.61 -10.43 -9.77
C SER B 46 -0.07 -10.01 -11.07
N ARG B 47 -0.82 -8.91 -10.99
CA ARG B 47 -1.52 -8.39 -12.16
C ARG B 47 -0.53 -8.02 -13.26
N ARG B 48 0.61 -7.47 -12.86
CA ARG B 48 1.65 -7.07 -13.81
C ARG B 48 2.05 -8.26 -14.67
N ALA B 49 2.30 -9.40 -14.04
CA ALA B 49 2.69 -10.62 -14.75
C ALA B 49 1.58 -11.05 -15.70
N ASP B 50 0.34 -10.89 -15.26
CA ASP B 50 -0.82 -11.27 -16.06
C ASP B 50 -1.10 -10.21 -17.13
N ALA B 51 -0.06 -9.83 -17.87
CA ALA B 51 -0.19 -8.83 -18.92
C ALA B 51 -1.24 -9.25 -19.96
N PRO B 52 -2.10 -8.32 -20.38
CA PRO B 52 -3.15 -8.59 -21.37
C PRO B 52 -2.58 -9.09 -22.70
N SER B 53 -3.19 -10.15 -23.23
CA SER B 53 -2.75 -10.73 -24.50
C SER B 53 -1.28 -11.16 -24.42
N THR B 54 -0.51 -10.84 -25.46
CA THR B 54 0.90 -11.18 -25.48
C THR B 54 1.64 -10.36 -26.54
N SER B 55 1.05 -10.27 -27.73
CA SER B 55 1.64 -9.51 -28.83
C SER B 55 0.70 -9.46 -30.03
N ALA B 56 -0.59 -9.23 -29.74
CA ALA B 56 -1.61 -9.15 -30.79
C ALA B 56 -1.56 -7.80 -31.50
N ILE B 57 -0.36 -7.35 -31.84
CA ILE B 57 -0.20 -6.06 -32.52
C ILE B 57 -0.91 -6.07 -33.87
N SER B 58 -0.73 -7.15 -34.62
CA SER B 58 -1.35 -7.28 -35.95
C SER B 58 -0.96 -6.13 -36.85
N GLU B 59 -1.93 -5.61 -37.61
CA GLU B 59 -1.68 -4.50 -38.52
C GLU B 59 -1.23 -3.27 -37.76
N ASP B 60 -0.19 -2.60 -38.27
CA ASP B 60 0.34 -1.40 -37.63
C ASP B 60 -0.70 -0.30 -37.58
N GLY A 1 -8.46 19.80 10.73
CA GLY A 1 -9.35 18.64 10.44
C GLY A 1 -10.63 19.05 9.75
N SER A 2 -10.50 19.92 8.75
CA SER A 2 -11.67 20.40 8.00
C SER A 2 -12.37 19.24 7.29
N ALA A 3 -11.58 18.37 6.67
CA ALA A 3 -12.12 17.22 5.95
C ALA A 3 -11.00 16.30 5.47
N ALA A 4 -10.08 15.98 6.37
CA ALA A 4 -8.97 15.10 6.04
C ALA A 4 -8.21 14.69 7.30
N SER A 5 -7.84 13.41 7.38
CA SER A 5 -7.11 12.89 8.52
C SER A 5 -6.66 11.45 8.26
N PRO A 6 -5.39 11.13 8.55
CA PRO A 6 -4.87 9.78 8.34
C PRO A 6 -5.45 8.78 9.34
N ALA A 7 -4.90 7.57 9.33
CA ALA A 7 -5.35 6.51 10.23
C ALA A 7 -6.87 6.39 10.22
N VAL A 8 -7.43 6.49 9.03
CA VAL A 8 -8.86 6.36 8.85
C VAL A 8 -9.21 4.88 8.87
N ASP A 9 -8.82 4.25 9.96
CA ASP A 9 -9.00 2.83 10.14
C ASP A 9 -7.98 2.12 9.27
N ILE A 10 -7.11 2.97 8.72
CA ILE A 10 -6.00 2.61 7.86
C ILE A 10 -6.37 1.69 6.69
N GLY A 11 -7.01 0.57 6.94
CA GLY A 11 -7.41 -0.31 5.87
C GLY A 11 -8.33 0.36 4.93
N ASP A 12 -8.82 1.51 5.34
CA ASP A 12 -9.70 2.28 4.53
C ASP A 12 -8.94 2.90 3.38
N ARG A 13 -7.72 3.30 3.69
CA ARG A 13 -6.83 3.90 2.73
C ARG A 13 -6.31 2.82 1.79
N LEU A 14 -5.87 1.78 2.43
CA LEU A 14 -5.36 0.59 1.79
C LEU A 14 -6.37 -0.02 0.84
N ASP A 15 -7.55 -0.27 1.37
CA ASP A 15 -8.63 -0.86 0.60
C ASP A 15 -8.83 -0.08 -0.68
N GLU A 16 -9.00 1.23 -0.52
CA GLU A 16 -9.19 2.12 -1.64
C GLU A 16 -7.98 2.13 -2.55
N LEU A 17 -6.81 1.89 -1.99
CA LEU A 17 -5.58 1.87 -2.74
C LEU A 17 -5.59 0.75 -3.75
N GLU A 18 -5.95 -0.42 -3.28
CA GLU A 18 -6.04 -1.61 -4.11
C GLU A 18 -7.11 -1.42 -5.15
N LYS A 19 -8.20 -0.84 -4.72
CA LYS A 19 -9.30 -0.60 -5.62
C LYS A 19 -8.85 0.37 -6.69
N ALA A 20 -8.02 1.31 -6.30
CA ALA A 20 -7.47 2.28 -7.22
C ALA A 20 -6.59 1.57 -8.21
N LEU A 21 -5.72 0.78 -7.64
CA LEU A 21 -4.78 0.00 -8.37
C LEU A 21 -5.47 -0.86 -9.40
N GLU A 22 -6.55 -1.47 -8.97
CA GLU A 22 -7.34 -2.29 -9.86
C GLU A 22 -7.54 -1.57 -11.16
N ALA A 23 -7.65 -0.26 -11.05
CA ALA A 23 -7.81 0.59 -12.20
C ALA A 23 -6.48 0.73 -12.91
N LEU A 24 -5.43 0.98 -12.13
CA LEU A 24 -4.08 1.11 -12.65
C LEU A 24 -3.46 -0.25 -12.95
N SER A 25 -4.29 -1.28 -12.94
CA SER A 25 -3.85 -2.65 -13.17
C SER A 25 -2.94 -2.78 -14.39
N ALA A 26 -1.66 -2.47 -14.18
CA ALA A 26 -0.65 -2.55 -15.24
C ALA A 26 -1.17 -1.94 -16.54
N GLU A 27 -2.06 -1.00 -16.38
CA GLU A 27 -2.69 -0.32 -17.51
C GLU A 27 -1.70 0.46 -18.36
N ASP A 28 -0.67 1.00 -17.74
CA ASP A 28 0.29 1.79 -18.47
C ASP A 28 1.64 1.82 -17.78
N GLY A 29 2.11 0.65 -17.42
CA GLY A 29 3.38 0.52 -16.76
C GLY A 29 3.44 1.32 -15.49
N HIS A 30 2.42 1.19 -14.66
CA HIS A 30 2.38 1.91 -13.40
C HIS A 30 3.30 1.28 -12.36
N ASP A 31 4.51 0.92 -12.80
CA ASP A 31 5.49 0.32 -11.90
C ASP A 31 5.81 1.27 -10.76
N ASP A 32 5.44 2.54 -10.94
CA ASP A 32 5.66 3.56 -9.92
C ASP A 32 4.77 3.31 -8.74
N VAL A 33 3.68 2.61 -9.00
CA VAL A 33 2.74 2.28 -7.97
C VAL A 33 3.36 1.30 -7.00
N GLY A 34 4.00 0.28 -7.54
CA GLY A 34 4.64 -0.73 -6.71
C GLY A 34 5.79 -0.15 -5.93
N GLN A 35 6.42 0.87 -6.49
CA GLN A 35 7.54 1.52 -5.81
C GLN A 35 7.02 2.24 -4.59
N ARG A 36 5.83 2.80 -4.71
CA ARG A 36 5.18 3.49 -3.62
C ARG A 36 4.70 2.45 -2.64
N LEU A 37 4.07 1.42 -3.19
CA LEU A 37 3.54 0.32 -2.48
C LEU A 37 4.58 -0.36 -1.61
N GLU A 38 5.72 -0.63 -2.22
CA GLU A 38 6.81 -1.28 -1.54
C GLU A 38 7.34 -0.37 -0.46
N SER A 39 7.56 0.86 -0.85
CA SER A 39 8.05 1.88 0.07
C SER A 39 7.17 1.90 1.31
N LEU A 40 5.87 1.86 1.08
CA LEU A 40 4.89 1.85 2.14
C LEU A 40 5.25 0.80 3.17
N LEU A 41 5.43 -0.42 2.71
CA LEU A 41 5.76 -1.53 3.59
C LEU A 41 7.18 -1.49 4.09
N ARG A 42 8.14 -1.43 3.20
CA ARG A 42 9.53 -1.40 3.63
C ARG A 42 9.69 -0.40 4.75
N ARG A 43 8.80 0.59 4.74
CA ARG A 43 8.80 1.60 5.78
C ARG A 43 7.90 1.12 6.91
N TRP A 44 6.84 0.42 6.55
CA TRP A 44 5.90 -0.12 7.50
C TRP A 44 6.51 -1.28 8.27
N ASN A 45 6.91 -2.32 7.55
CA ASN A 45 7.51 -3.51 8.15
C ASN A 45 8.74 -3.17 8.98
N SER A 46 9.52 -2.23 8.48
CA SER A 46 10.74 -1.80 9.16
C SER A 46 10.43 -1.17 10.51
N ARG A 47 9.45 -0.26 10.53
CA ARG A 47 9.08 0.40 11.77
C ARG A 47 8.61 -0.61 12.80
N ARG A 48 7.94 -1.66 12.32
CA ARG A 48 7.46 -2.71 13.20
C ARG A 48 8.62 -3.28 14.01
N ALA A 49 9.66 -3.67 13.28
CA ALA A 49 10.85 -4.24 13.87
C ALA A 49 11.49 -3.25 14.86
N ASP A 50 11.43 -1.98 14.50
CA ASP A 50 12.00 -0.93 15.34
C ASP A 50 11.06 -0.57 16.50
N ALA A 51 10.52 -1.58 17.16
CA ALA A 51 9.61 -1.37 18.28
C ALA A 51 9.28 -2.69 18.98
N PRO A 52 9.32 -2.71 20.33
CA PRO A 52 9.01 -3.91 21.11
C PRO A 52 7.56 -4.36 20.95
N SER A 53 6.64 -3.40 21.01
CA SER A 53 5.23 -3.69 20.87
C SER A 53 4.92 -4.26 19.48
N THR A 54 4.12 -5.31 19.44
CA THR A 54 3.74 -5.94 18.17
C THR A 54 2.52 -6.82 18.35
N SER A 55 2.50 -7.61 19.43
CA SER A 55 1.39 -8.50 19.71
C SER A 55 1.56 -9.15 21.09
N ALA A 56 0.47 -9.16 21.86
CA ALA A 56 0.49 -9.75 23.21
C ALA A 56 1.41 -8.98 24.14
N ILE A 57 0.92 -8.70 25.35
CA ILE A 57 1.70 -7.97 26.34
C ILE A 57 3.00 -8.70 26.68
N SER A 58 2.88 -10.00 26.90
CA SER A 58 4.04 -10.83 27.24
C SER A 58 3.65 -12.30 27.30
N GLU A 59 2.53 -12.59 27.96
CA GLU A 59 2.05 -13.95 28.09
C GLU A 59 1.70 -14.54 26.73
N ASP A 60 2.11 -15.78 26.50
CA ASP A 60 1.86 -16.45 25.24
C ASP A 60 0.36 -16.61 25.00
N GLY B 1 -20.26 9.22 -9.07
CA GLY B 1 -19.07 10.08 -8.85
C GLY B 1 -19.40 11.35 -8.10
N SER B 2 -20.19 11.23 -7.04
CA SER B 2 -20.59 12.38 -6.24
C SER B 2 -19.37 13.04 -5.60
N ALA B 3 -18.47 12.23 -5.06
CA ALA B 3 -17.27 12.73 -4.42
C ALA B 3 -16.33 11.59 -4.04
N ALA B 4 -16.13 10.66 -4.98
CA ALA B 4 -15.26 9.52 -4.75
C ALA B 4 -15.03 8.73 -6.03
N SER B 5 -13.79 8.34 -6.27
CA SER B 5 -13.45 7.58 -7.48
C SER B 5 -11.99 7.11 -7.42
N PRO B 6 -11.75 5.82 -7.70
CA PRO B 6 -10.39 5.25 -7.68
C PRO B 6 -9.51 5.86 -8.76
N ALA B 7 -8.39 5.18 -9.05
CA ALA B 7 -7.46 5.65 -10.06
C ALA B 7 -7.18 7.14 -9.90
N VAL B 8 -7.11 7.58 -8.65
CA VAL B 8 -6.85 8.98 -8.33
C VAL B 8 -5.37 9.28 -8.48
N ASP B 9 -4.85 9.03 -9.69
CA ASP B 9 -3.44 9.22 -9.98
C ASP B 9 -2.62 8.10 -9.37
N ILE B 10 -3.28 7.27 -8.55
CA ILE B 10 -2.66 6.13 -7.87
C ILE B 10 -1.64 6.56 -6.82
N GLY B 11 -0.83 7.56 -7.14
CA GLY B 11 0.17 8.05 -6.21
C GLY B 11 -0.43 8.77 -5.02
N ASP B 12 -1.58 9.41 -5.23
CA ASP B 12 -2.26 10.14 -4.17
C ASP B 12 -2.63 9.22 -3.02
N ARG B 13 -3.32 8.13 -3.32
CA ARG B 13 -3.71 7.17 -2.29
C ARG B 13 -2.50 6.50 -1.68
N LEU B 14 -1.49 6.24 -2.51
CA LEU B 14 -0.26 5.62 -2.05
C LEU B 14 0.47 6.52 -1.06
N ASP B 15 0.56 7.80 -1.41
CA ASP B 15 1.23 8.79 -0.57
C ASP B 15 0.48 8.95 0.75
N GLU B 16 -0.84 9.10 0.66
CA GLU B 16 -1.67 9.27 1.84
C GLU B 16 -1.58 8.03 2.73
N LEU B 17 -1.61 6.85 2.11
CA LEU B 17 -1.53 5.60 2.86
C LEU B 17 -0.27 5.61 3.73
N GLU B 18 0.84 6.08 3.16
CA GLU B 18 2.10 6.14 3.87
C GLU B 18 2.00 7.14 5.03
N LYS B 19 1.50 8.33 4.71
CA LYS B 19 1.32 9.38 5.70
C LYS B 19 0.53 8.84 6.88
N ALA B 20 -0.46 8.00 6.58
CA ALA B 20 -1.30 7.41 7.60
C ALA B 20 -0.51 6.44 8.46
N LEU B 21 0.20 5.51 7.82
CA LEU B 21 0.98 4.54 8.58
C LEU B 21 1.91 5.24 9.55
N GLU B 22 2.48 6.36 9.12
CA GLU B 22 3.38 7.13 9.97
C GLU B 22 2.74 7.32 11.35
N ALA B 23 1.42 7.51 11.35
CA ALA B 23 0.67 7.68 12.58
C ALA B 23 0.52 6.34 13.31
N LEU B 24 0.20 5.29 12.55
CA LEU B 24 0.02 3.96 13.12
C LEU B 24 1.33 3.18 13.08
N SER B 25 2.43 3.86 12.82
CA SER B 25 3.74 3.22 12.72
C SER B 25 4.02 2.32 13.91
N ALA B 26 3.48 1.10 13.85
CA ALA B 26 3.66 0.11 14.91
C ALA B 26 3.34 0.71 16.28
N GLU B 27 2.32 1.57 16.33
CA GLU B 27 1.92 2.21 17.57
C GLU B 27 1.24 1.24 18.53
N ASP B 28 0.49 0.29 17.97
CA ASP B 28 -0.23 -0.68 18.79
C ASP B 28 -0.38 -2.01 18.04
N GLY B 29 0.72 -2.56 17.57
CA GLY B 29 0.68 -3.82 16.86
C GLY B 29 -0.23 -3.75 15.65
N HIS B 30 -0.03 -2.73 14.83
CA HIS B 30 -0.83 -2.54 13.63
C HIS B 30 -0.45 -3.53 12.52
N ASP B 31 -0.14 -4.76 12.91
CA ASP B 31 0.23 -5.80 11.97
C ASP B 31 -0.78 -5.88 10.82
N ASP B 32 -2.04 -5.57 11.14
CA ASP B 32 -3.10 -5.61 10.14
C ASP B 32 -2.78 -4.71 8.95
N VAL B 33 -2.13 -3.59 9.19
CA VAL B 33 -1.76 -2.67 8.11
C VAL B 33 -0.77 -3.34 7.17
N GLY B 34 0.10 -4.18 7.75
CA GLY B 34 1.10 -4.88 6.96
C GLY B 34 0.51 -5.93 6.05
N GLN B 35 -0.45 -6.71 6.57
CA GLN B 35 -1.07 -7.77 5.78
C GLN B 35 -1.80 -7.19 4.57
N ARG B 36 -2.52 -6.09 4.79
CA ARG B 36 -3.26 -5.44 3.71
C ARG B 36 -2.30 -4.75 2.76
N LEU B 37 -1.34 -4.01 3.32
CA LEU B 37 -0.35 -3.30 2.52
C LEU B 37 0.38 -4.30 1.62
N GLU B 38 0.72 -5.44 2.21
CA GLU B 38 1.41 -6.49 1.49
C GLU B 38 0.49 -7.09 0.43
N SER B 39 -0.77 -7.30 0.80
CA SER B 39 -1.76 -7.84 -0.11
C SER B 39 -1.87 -6.95 -1.34
N LEU B 40 -1.74 -5.65 -1.13
CA LEU B 40 -1.82 -4.68 -2.20
C LEU B 40 -0.83 -5.03 -3.30
N LEU B 41 0.42 -5.27 -2.90
CA LEU B 41 1.48 -5.61 -3.84
C LEU B 41 1.36 -7.04 -4.36
N ARG B 42 1.12 -8.00 -3.47
CA ARG B 42 0.97 -9.39 -3.88
C ARG B 42 -0.03 -9.49 -5.01
N ARG B 43 -1.04 -8.62 -4.98
CA ARG B 43 -2.06 -8.58 -6.01
C ARG B 43 -1.62 -7.64 -7.13
N TRP B 44 -0.98 -6.55 -6.74
CA TRP B 44 -0.49 -5.53 -7.67
C TRP B 44 0.53 -6.14 -8.64
N ASN B 45 1.63 -6.63 -8.09
CA ASN B 45 2.70 -7.22 -8.89
C ASN B 45 2.20 -8.44 -9.66
N SER B 46 1.40 -9.27 -9.00
CA SER B 46 0.86 -10.47 -9.64
C SER B 46 0.16 -10.12 -10.94
N ARG B 47 -0.69 -9.10 -10.89
CA ARG B 47 -1.43 -8.66 -12.08
C ARG B 47 -0.46 -8.21 -13.16
N ARG B 48 0.64 -7.57 -12.76
CA ARG B 48 1.64 -7.09 -13.70
C ARG B 48 2.16 -8.25 -14.54
N ALA B 49 2.50 -9.34 -13.88
CA ALA B 49 3.00 -10.53 -14.56
C ALA B 49 1.94 -11.12 -15.49
N ASP B 50 0.70 -11.11 -15.03
CA ASP B 50 -0.42 -11.63 -15.81
C ASP B 50 -0.84 -10.65 -16.89
N ALA B 51 0.13 -10.08 -17.60
CA ALA B 51 -0.15 -9.13 -18.67
C ALA B 51 1.12 -8.80 -19.45
N PRO B 52 1.04 -8.79 -20.79
CA PRO B 52 2.19 -8.49 -21.65
C PRO B 52 2.68 -7.06 -21.48
N SER B 53 1.74 -6.11 -21.47
CA SER B 53 2.08 -4.70 -21.31
C SER B 53 2.75 -4.44 -19.96
N THR B 54 3.83 -3.67 -19.99
CA THR B 54 4.57 -3.34 -18.77
C THR B 54 5.49 -2.14 -18.99
N SER B 55 6.25 -2.18 -20.08
CA SER B 55 7.17 -1.10 -20.41
C SER B 55 7.64 -1.21 -21.86
N ALA B 56 7.60 -0.10 -22.58
CA ALA B 56 8.02 -0.06 -23.98
C ALA B 56 7.15 -0.95 -24.86
N ILE B 57 6.79 -0.44 -26.03
CA ILE B 57 5.96 -1.20 -26.96
C ILE B 57 6.66 -2.48 -27.40
N SER B 58 7.94 -2.37 -27.72
CA SER B 58 8.72 -3.53 -28.15
C SER B 58 10.20 -3.17 -28.32
N GLU B 59 10.45 -2.04 -28.97
CA GLU B 59 11.82 -1.57 -29.19
C GLU B 59 12.52 -1.27 -27.87
N ASP B 60 13.76 -1.72 -27.75
CA ASP B 60 14.53 -1.50 -26.53
C ASP B 60 14.74 -0.01 -26.28
#